data_6AO3
#
_entry.id   6AO3
#
_cell.length_a   45.300
_cell.length_b   56.840
_cell.length_c   81.840
_cell.angle_alpha   94.86
_cell.angle_beta   102.79
_cell.angle_gamma   98.99
#
_symmetry.space_group_name_H-M   'P 1'
#
loop_
_entity.id
_entity.type
_entity.pdbx_description
1 polymer Gasdermin-D
2 water water
#
_entity_poly.entity_id   1
_entity_poly.type   'polypeptide(L)'
_entity_poly.pdbx_seq_one_letter_code
;SGIDEEELIEAADFQGLYAEVKACSSELESLEMELRQQILVNIGKILQDQPSMEALEASLGQGLCSGGQVEPLDGPAGCI
LECLVLDSGELVPELAAPIFYLLGALAVLSETQQQLLAKALETTVLSKQLELVKHVLEQSTPWQEQSSVSLPTVLLGDCW
DEKNPTWVLLEECGLRLQVESPQVHWEPTSLIPTSALYASLFLLSSLGQKPC
;
_entity_poly.pdbx_strand_id   A,B,C,D
#
# COMPACT_ATOMS: atom_id res chain seq x y z
N ALA A 11 -30.87 6.76 -2.01
CA ALA A 11 -29.49 7.11 -1.76
C ALA A 11 -28.58 5.88 -1.64
N ALA A 12 -29.15 4.74 -1.28
CA ALA A 12 -28.35 3.52 -1.19
C ALA A 12 -27.79 3.16 -2.57
N ASP A 13 -26.58 2.63 -2.59
CA ASP A 13 -26.02 2.17 -3.86
C ASP A 13 -25.09 0.99 -3.59
N PHE A 14 -24.61 0.38 -4.67
CA PHE A 14 -23.82 -0.83 -4.51
C PHE A 14 -22.48 -0.54 -3.85
N GLN A 15 -21.86 0.60 -4.17
CA GLN A 15 -20.61 0.98 -3.51
C GLN A 15 -20.76 0.96 -2.00
N GLY A 16 -21.87 1.52 -1.49
CA GLY A 16 -22.09 1.52 -0.05
C GLY A 16 -22.29 0.11 0.50
N LEU A 17 -23.05 -0.72 -0.22
CA LEU A 17 -23.30 -2.08 0.23
C LEU A 17 -22.01 -2.89 0.24
N TYR A 18 -21.24 -2.81 -0.85
CA TYR A 18 -19.97 -3.52 -0.92
C TYR A 18 -19.01 -3.08 0.20
N ALA A 19 -18.88 -1.77 0.42
CA ALA A 19 -17.97 -1.29 1.46
C ALA A 19 -18.36 -1.84 2.83
N GLU A 20 -19.65 -1.80 3.15
CA GLU A 20 -20.10 -2.29 4.46
C GLU A 20 -19.82 -3.78 4.61
N VAL A 21 -20.19 -4.56 3.60
CA VAL A 21 -20.00 -6.00 3.73
C VAL A 21 -18.51 -6.35 3.73
N LYS A 22 -17.74 -5.66 2.89
CA LYS A 22 -16.30 -5.90 2.85
C LYS A 22 -15.64 -5.59 4.19
N ALA A 23 -16.01 -4.43 4.78
CA ALA A 23 -15.43 -4.05 6.07
C ALA A 23 -15.82 -5.05 7.16
N CYS A 24 -17.08 -5.48 7.16
CA CYS A 24 -17.54 -6.47 8.14
C CYS A 24 -16.80 -7.80 8.00
N SER A 25 -16.38 -8.15 6.79
CA SER A 25 -15.77 -9.44 6.51
C SER A 25 -14.30 -9.56 6.93
N SER A 26 -13.58 -8.46 7.26
CA SER A 26 -12.12 -8.48 7.32
C SER A 26 -11.63 -9.57 8.25
N GLU A 27 -12.20 -9.59 9.46
CA GLU A 27 -11.68 -10.50 10.49
C GLU A 27 -12.10 -11.94 10.24
N LEU A 28 -13.16 -12.17 9.47
CA LEU A 28 -13.46 -13.54 9.09
C LEU A 28 -12.46 -14.05 8.07
N GLU A 29 -12.07 -13.19 7.11
CA GLU A 29 -11.15 -13.63 6.08
C GLU A 29 -9.77 -13.94 6.64
N SER A 30 -9.39 -13.27 7.71
CA SER A 30 -8.08 -13.49 8.32
C SER A 30 -8.14 -14.53 9.44
N LEU A 31 -9.30 -15.09 9.72
CA LEU A 31 -9.40 -16.18 10.67
C LEU A 31 -8.66 -17.41 10.15
N GLU A 32 -8.07 -18.17 11.07
CA GLU A 32 -7.33 -19.38 10.70
C GLU A 32 -8.25 -20.40 10.03
N MET A 33 -7.67 -21.14 9.08
CA MET A 33 -8.46 -22.02 8.21
C MET A 33 -9.34 -22.98 9.00
N GLU A 34 -8.79 -23.56 10.07
CA GLU A 34 -9.48 -24.60 10.81
C GLU A 34 -10.73 -24.04 11.50
N LEU A 35 -10.64 -22.83 12.06
CA LEU A 35 -11.82 -22.24 12.69
C LEU A 35 -12.80 -21.76 11.64
N ARG A 36 -12.32 -21.24 10.52
CA ARG A 36 -13.22 -20.86 9.43
C ARG A 36 -14.07 -22.05 8.98
N GLN A 37 -13.44 -23.21 8.79
CA GLN A 37 -14.19 -24.37 8.33
C GLN A 37 -15.15 -24.87 9.39
N GLN A 38 -14.72 -24.87 10.66
CA GLN A 38 -15.63 -25.27 11.73
C GLN A 38 -16.85 -24.36 11.78
N ILE A 39 -16.67 -23.05 11.66
CA ILE A 39 -17.83 -22.16 11.66
C ILE A 39 -18.71 -22.43 10.45
N LEU A 40 -18.09 -22.56 9.27
CA LEU A 40 -18.87 -22.62 8.05
C LEU A 40 -19.73 -23.88 8.01
N VAL A 41 -19.15 -25.04 8.34
CA VAL A 41 -19.90 -26.30 8.33
C VAL A 41 -21.07 -26.23 9.30
N ASN A 42 -20.85 -25.61 10.46
CA ASN A 42 -21.91 -25.57 11.45
C ASN A 42 -22.94 -24.49 11.15
N ILE A 43 -22.56 -23.41 10.45
CA ILE A 43 -23.56 -22.49 9.94
C ILE A 43 -24.49 -23.21 8.94
N GLY A 44 -23.92 -24.09 8.12
CA GLY A 44 -24.75 -24.88 7.23
C GLY A 44 -25.79 -25.70 7.98
N LYS A 45 -25.44 -26.17 9.18
CA LYS A 45 -26.42 -26.93 9.93
C LYS A 45 -27.46 -26.04 10.61
N ILE A 46 -27.04 -24.89 11.16
CA ILE A 46 -28.05 -24.07 11.81
C ILE A 46 -28.94 -23.35 10.80
N LEU A 47 -28.49 -23.19 9.54
CA LEU A 47 -29.36 -22.64 8.51
C LEU A 47 -30.57 -23.52 8.25
N GLN A 48 -30.49 -24.79 8.64
CA GLN A 48 -31.58 -25.75 8.54
C GLN A 48 -32.34 -25.90 9.84
N ASP A 49 -32.06 -25.07 10.85
CA ASP A 49 -32.61 -25.24 12.19
C ASP A 49 -32.74 -23.84 12.80
N GLN A 50 -33.84 -23.15 12.44
CA GLN A 50 -33.99 -21.75 12.85
C GLN A 50 -33.92 -21.51 14.36
N PRO A 51 -34.46 -22.37 15.23
CA PRO A 51 -34.27 -22.13 16.67
C PRO A 51 -32.81 -22.09 17.09
N SER A 52 -31.93 -22.85 16.43
CA SER A 52 -30.51 -22.81 16.74
C SER A 52 -29.89 -21.48 16.33
N MET A 53 -30.32 -20.93 15.18
CA MET A 53 -29.83 -19.61 14.80
C MET A 53 -30.28 -18.55 15.80
N GLU A 54 -31.52 -18.63 16.24
CA GLU A 54 -32.00 -17.65 17.22
C GLU A 54 -31.27 -17.77 18.53
N ALA A 55 -30.98 -19.00 18.97
CA ALA A 55 -30.23 -19.19 20.21
C ALA A 55 -28.83 -18.62 20.09
N LEU A 56 -28.15 -18.87 18.96
CA LEU A 56 -26.82 -18.32 18.76
C LEU A 56 -26.87 -16.80 18.71
N GLU A 57 -27.86 -16.23 18.02
CA GLU A 57 -27.98 -14.78 17.96
C GLU A 57 -28.20 -14.18 19.34
N ALA A 58 -29.01 -14.85 20.18
CA ALA A 58 -29.26 -14.34 21.52
C ALA A 58 -28.00 -14.36 22.37
N SER A 59 -27.21 -15.42 22.26
CA SER A 59 -25.97 -15.51 23.05
C SER A 59 -24.95 -14.47 22.60
N LEU A 60 -24.79 -14.30 21.28
CA LEU A 60 -23.80 -13.36 20.77
C LEU A 60 -24.20 -11.92 21.04
N GLY A 61 -25.49 -11.60 20.84
CA GLY A 61 -25.94 -10.22 21.03
C GLY A 61 -25.73 -9.76 22.46
N GLN A 62 -26.15 -10.59 23.42
CA GLN A 62 -25.97 -10.23 24.83
C GLN A 62 -24.50 -10.22 25.21
N GLY A 63 -23.71 -11.16 24.65
CA GLY A 63 -22.28 -11.16 24.94
C GLY A 63 -21.56 -9.95 24.38
N LEU A 64 -21.94 -9.51 23.18
CA LEU A 64 -21.32 -8.33 22.58
C LEU A 64 -21.66 -7.08 23.37
N CYS A 65 -22.92 -6.93 23.77
CA CYS A 65 -23.32 -5.68 24.40
C CYS A 65 -22.95 -5.64 25.88
N SER A 66 -22.90 -6.79 26.54
CA SER A 66 -22.57 -6.81 27.96
C SER A 66 -21.08 -6.99 28.23
N GLY A 67 -20.36 -7.65 27.33
CA GLY A 67 -18.96 -7.97 27.57
C GLY A 67 -18.72 -9.06 28.61
N GLY A 68 -19.77 -9.76 29.05
CA GLY A 68 -19.63 -10.76 30.09
C GLY A 68 -19.33 -12.14 29.54
N GLN A 69 -19.31 -13.10 30.46
CA GLN A 69 -19.06 -14.48 30.06
C GLN A 69 -20.29 -15.03 29.36
N VAL A 70 -20.06 -15.79 28.29
CA VAL A 70 -21.13 -16.32 27.46
C VAL A 70 -21.26 -17.79 27.77
N GLU A 71 -22.46 -18.20 28.03
CA GLU A 71 -22.71 -19.53 28.48
C GLU A 71 -22.67 -20.48 27.27
N PRO A 72 -22.01 -21.64 27.38
CA PRO A 72 -21.87 -22.51 26.19
C PRO A 72 -23.23 -22.97 25.68
N LEU A 73 -23.29 -23.24 24.37
CA LEU A 73 -24.48 -23.74 23.72
C LEU A 73 -24.27 -25.19 23.30
N ASP A 74 -25.39 -25.88 23.05
CA ASP A 74 -25.35 -27.25 22.58
C ASP A 74 -25.33 -27.31 21.05
N GLY A 75 -24.90 -28.46 20.54
CA GLY A 75 -25.02 -28.76 19.12
C GLY A 75 -24.21 -27.86 18.22
N PRO A 76 -24.60 -27.79 16.94
CA PRO A 76 -23.87 -26.95 15.99
C PRO A 76 -23.78 -25.48 16.41
N ALA A 77 -24.82 -24.91 17.05
CA ALA A 77 -24.68 -23.52 17.50
C ALA A 77 -23.54 -23.40 18.50
N GLY A 78 -23.39 -24.39 19.37
CA GLY A 78 -22.28 -24.39 20.31
C GLY A 78 -20.93 -24.57 19.65
N CYS A 79 -20.86 -25.33 18.56
CA CYS A 79 -19.60 -25.50 17.84
C CYS A 79 -19.14 -24.18 17.23
N ILE A 80 -20.09 -23.35 16.79
CA ILE A 80 -19.75 -22.02 16.30
C ILE A 80 -19.29 -21.13 17.44
N LEU A 81 -20.06 -21.09 18.53
CA LEU A 81 -19.75 -20.21 19.65
C LEU A 81 -18.36 -20.50 20.23
N GLU A 82 -17.99 -21.78 20.32
CA GLU A 82 -16.67 -22.17 20.82
C GLU A 82 -15.53 -21.51 20.05
N CYS A 83 -15.74 -21.21 18.78
CA CYS A 83 -14.71 -20.56 17.96
C CYS A 83 -14.61 -19.07 18.24
N LEU A 84 -15.56 -18.51 18.98
CA LEU A 84 -15.68 -17.08 19.14
C LEU A 84 -15.45 -16.60 20.56
N VAL A 85 -15.06 -17.48 21.48
CA VAL A 85 -14.90 -17.12 22.88
C VAL A 85 -13.47 -17.37 23.32
N LEU A 86 -13.04 -16.63 24.33
CA LEU A 86 -11.81 -16.95 25.04
C LEU A 86 -12.04 -18.14 25.99
N ASP A 87 -10.93 -18.64 26.53
CA ASP A 87 -11.03 -19.75 27.49
C ASP A 87 -11.80 -19.34 28.75
N SER A 88 -11.80 -18.04 29.07
CA SER A 88 -12.56 -17.53 30.20
C SER A 88 -14.06 -17.38 29.89
N GLY A 89 -14.47 -17.58 28.64
CA GLY A 89 -15.87 -17.48 28.25
C GLY A 89 -16.37 -16.16 27.70
N GLU A 90 -15.58 -15.09 27.76
CA GLU A 90 -16.02 -13.85 27.11
C GLU A 90 -15.83 -13.97 25.61
N LEU A 91 -16.67 -13.26 24.85
CA LEU A 91 -16.55 -13.24 23.40
C LEU A 91 -15.27 -12.55 22.98
N VAL A 92 -14.74 -12.97 21.84
CA VAL A 92 -13.76 -12.18 21.10
C VAL A 92 -14.56 -11.24 20.22
N PRO A 93 -14.72 -9.96 20.57
CA PRO A 93 -15.66 -9.10 19.82
C PRO A 93 -15.36 -9.01 18.34
N GLU A 94 -14.09 -8.99 17.96
CA GLU A 94 -13.73 -8.86 16.54
C GLU A 94 -14.19 -10.05 15.72
N LEU A 95 -14.42 -11.20 16.34
CA LEU A 95 -14.97 -12.37 15.64
C LEU A 95 -16.47 -12.52 15.83
N ALA A 96 -16.97 -12.22 17.03
CA ALA A 96 -18.40 -12.35 17.29
C ALA A 96 -19.21 -11.29 16.52
N ALA A 97 -18.67 -10.08 16.38
CA ALA A 97 -19.45 -9.03 15.71
C ALA A 97 -19.77 -9.37 14.26
N PRO A 98 -18.79 -9.77 13.41
CA PRO A 98 -19.16 -10.13 12.03
C PRO A 98 -20.07 -11.34 11.94
N ILE A 99 -19.94 -12.30 12.85
CA ILE A 99 -20.85 -13.45 12.83
C ILE A 99 -22.26 -13.01 13.19
N PHE A 100 -22.40 -12.11 14.17
CA PHE A 100 -23.72 -11.56 14.48
C PHE A 100 -24.31 -10.79 13.30
N TYR A 101 -23.47 -10.01 12.61
CA TYR A 101 -23.92 -9.31 11.41
C TYR A 101 -24.41 -10.29 10.35
N LEU A 102 -23.66 -11.38 10.14
CA LEU A 102 -24.08 -12.40 9.18
C LEU A 102 -25.40 -13.04 9.58
N LEU A 103 -25.56 -13.36 10.87
CA LEU A 103 -26.81 -13.96 11.33
C LEU A 103 -27.97 -12.99 11.11
N GLY A 104 -27.73 -11.69 11.29
CA GLY A 104 -28.76 -10.71 11.02
C GLY A 104 -29.15 -10.66 9.56
N ALA A 105 -28.16 -10.78 8.65
CA ALA A 105 -28.47 -10.83 7.23
C ALA A 105 -29.26 -12.09 6.88
N LEU A 106 -28.82 -13.24 7.39
CA LEU A 106 -29.54 -14.50 7.13
C LEU A 106 -30.98 -14.45 7.63
N ALA A 107 -31.21 -13.74 8.73
CA ALA A 107 -32.55 -13.64 9.31
C ALA A 107 -33.50 -12.85 8.43
N VAL A 108 -32.98 -12.00 7.53
CA VAL A 108 -33.83 -11.30 6.59
C VAL A 108 -34.44 -12.26 5.57
N LEU A 109 -33.70 -13.31 5.25
CA LEU A 109 -34.06 -14.23 4.19
C LEU A 109 -35.15 -15.20 4.65
N SER A 110 -35.89 -15.71 3.67
CA SER A 110 -36.93 -16.69 3.97
C SER A 110 -36.31 -18.03 4.35
N GLU A 111 -37.12 -18.88 4.97
CA GLU A 111 -36.68 -20.24 5.26
C GLU A 111 -36.22 -20.94 3.99
N THR A 112 -36.93 -20.74 2.88
CA THR A 112 -36.54 -21.36 1.62
C THR A 112 -35.13 -20.92 1.20
N GLN A 113 -34.85 -19.62 1.29
CA GLN A 113 -33.51 -19.14 0.94
C GLN A 113 -32.45 -19.68 1.90
N GLN A 114 -32.76 -19.72 3.19
CA GLN A 114 -31.81 -20.26 4.16
C GLN A 114 -31.46 -21.70 3.83
N GLN A 115 -32.46 -22.50 3.45
CA GLN A 115 -32.19 -23.90 3.11
C GLN A 115 -31.35 -24.02 1.85
N LEU A 116 -31.61 -23.17 0.85
CA LEU A 116 -30.82 -23.16 -0.38
C LEU A 116 -29.38 -22.74 -0.10
N LEU A 117 -29.18 -21.77 0.79
CA LEU A 117 -27.81 -21.38 1.12
C LEU A 117 -27.06 -22.53 1.81
N ALA A 118 -27.74 -23.26 2.69
CA ALA A 118 -27.11 -24.40 3.36
C ALA A 118 -26.57 -25.42 2.36
N LYS A 119 -27.33 -25.68 1.29
CA LYS A 119 -26.97 -26.65 0.26
C LYS A 119 -25.79 -26.15 -0.55
N ALA A 120 -25.74 -24.84 -0.79
CA ALA A 120 -24.73 -24.27 -1.67
C ALA A 120 -23.36 -24.28 -1.02
N LEU A 121 -23.32 -24.22 0.31
CA LEU A 121 -22.04 -24.14 1.03
C LEU A 121 -21.13 -25.29 0.66
N GLU A 122 -21.69 -26.47 0.43
CA GLU A 122 -20.94 -27.70 0.24
C GLU A 122 -20.23 -27.79 -1.11
N THR A 123 -20.43 -26.82 -2.00
CA THR A 123 -20.05 -26.94 -3.40
C THR A 123 -19.49 -25.62 -3.93
N THR A 124 -18.98 -25.67 -5.17
CA THR A 124 -18.63 -24.49 -5.94
C THR A 124 -19.83 -23.58 -6.21
N VAL A 125 -21.06 -24.05 -5.97
CA VAL A 125 -22.25 -23.27 -6.28
C VAL A 125 -22.23 -21.93 -5.54
N LEU A 126 -21.65 -21.89 -4.33
CA LEU A 126 -21.71 -20.67 -3.53
C LEU A 126 -21.09 -19.47 -4.26
N SER A 127 -19.91 -19.65 -4.86
CA SER A 127 -19.25 -18.51 -5.54
C SER A 127 -20.09 -18.05 -6.70
N LYS A 128 -20.66 -19.01 -7.43
CA LYS A 128 -21.46 -18.67 -8.58
C LYS A 128 -22.68 -17.89 -8.19
N GLN A 129 -23.33 -18.29 -7.10
CA GLN A 129 -24.49 -17.55 -6.66
C GLN A 129 -24.09 -16.17 -6.14
N LEU A 130 -22.94 -16.07 -5.48
CA LEU A 130 -22.46 -14.74 -5.10
C LEU A 130 -22.23 -13.88 -6.33
N GLU A 131 -21.56 -14.44 -7.35
CA GLU A 131 -21.29 -13.69 -8.56
C GLU A 131 -22.59 -13.26 -9.23
N LEU A 132 -23.60 -14.13 -9.24
CA LEU A 132 -24.88 -13.79 -9.86
C LEU A 132 -25.61 -12.71 -9.10
N VAL A 133 -25.67 -12.83 -7.76
CA VAL A 133 -26.39 -11.82 -6.99
C VAL A 133 -25.66 -10.48 -7.06
N LYS A 134 -24.32 -10.52 -7.01
CA LYS A 134 -23.55 -9.28 -7.21
C LYS A 134 -23.87 -8.64 -8.56
N HIS A 135 -23.97 -9.47 -9.59
CA HIS A 135 -24.29 -8.94 -10.91
C HIS A 135 -25.66 -8.27 -10.92
N VAL A 136 -26.68 -8.91 -10.32
CA VAL A 136 -28.01 -8.30 -10.28
C VAL A 136 -27.95 -6.93 -9.61
N LEU A 137 -27.24 -6.85 -8.48
CA LEU A 137 -27.17 -5.58 -7.75
C LEU A 137 -26.36 -4.53 -8.49
N GLU A 138 -25.22 -4.92 -9.09
CA GLU A 138 -24.47 -3.94 -9.86
C GLU A 138 -25.22 -3.52 -11.10
N GLN A 139 -25.85 -4.47 -11.78
CA GLN A 139 -26.45 -4.15 -13.06
C GLN A 139 -27.78 -3.43 -12.90
N SER A 140 -28.40 -3.49 -11.73
CA SER A 140 -29.67 -2.81 -11.54
C SER A 140 -29.52 -1.38 -11.05
N THR A 141 -28.29 -0.88 -10.89
CA THR A 141 -28.06 0.54 -10.64
C THR A 141 -28.58 1.35 -11.82
N PRO A 142 -29.39 2.40 -11.58
CA PRO A 142 -29.90 2.98 -10.32
C PRO A 142 -31.06 2.17 -9.70
N TRP A 143 -30.86 1.78 -8.44
CA TRP A 143 -31.76 0.84 -7.76
C TRP A 143 -33.19 1.37 -7.68
N GLN A 144 -33.37 2.68 -7.70
CA GLN A 144 -34.72 3.21 -7.53
C GLN A 144 -35.55 3.15 -8.80
N GLU A 145 -34.99 2.68 -9.92
CA GLU A 145 -35.75 2.57 -11.16
C GLU A 145 -36.01 1.11 -11.47
N GLN A 146 -37.26 0.78 -11.77
CA GLN A 146 -37.53 -0.56 -12.25
C GLN A 146 -36.85 -0.75 -13.60
N SER A 147 -36.39 -1.96 -13.84
CA SER A 147 -35.62 -2.17 -15.06
C SER A 147 -35.48 -3.66 -15.26
N SER A 148 -34.92 -4.02 -16.41
CA SER A 148 -34.61 -5.39 -16.79
C SER A 148 -33.12 -5.64 -16.59
N VAL A 149 -32.77 -6.84 -16.15
CA VAL A 149 -31.39 -7.24 -16.00
C VAL A 149 -31.16 -8.57 -16.71
N SER A 150 -30.14 -8.63 -17.57
CA SER A 150 -29.59 -9.86 -18.15
C SER A 150 -28.61 -10.55 -17.26
N LEU A 151 -28.70 -11.85 -17.24
CA LEU A 151 -27.81 -12.67 -16.46
C LEU A 151 -26.89 -13.44 -17.38
N PRO A 152 -25.63 -13.63 -16.98
CA PRO A 152 -24.72 -14.46 -17.76
C PRO A 152 -25.19 -15.91 -17.74
N THR A 153 -25.52 -16.44 -18.93
CA THR A 153 -26.12 -17.77 -19.01
C THR A 153 -25.24 -18.83 -18.37
N VAL A 154 -23.91 -18.64 -18.40
CA VAL A 154 -23.01 -19.66 -17.91
C VAL A 154 -23.14 -19.86 -16.40
N LEU A 155 -23.64 -18.86 -15.67
CA LEU A 155 -23.79 -19.01 -14.24
C LEU A 155 -25.11 -19.63 -13.84
N LEU A 156 -26.01 -19.87 -14.81
CA LEU A 156 -27.36 -20.31 -14.51
C LEU A 156 -27.50 -21.83 -14.45
N GLY A 157 -26.47 -22.58 -14.77
CA GLY A 157 -26.58 -24.02 -14.70
C GLY A 157 -27.17 -24.61 -15.95
N ASP A 158 -27.43 -25.91 -15.88
CA ASP A 158 -27.88 -26.65 -17.06
C ASP A 158 -29.31 -26.29 -17.46
N CYS A 159 -30.18 -26.01 -16.49
CA CYS A 159 -31.60 -25.79 -16.75
C CYS A 159 -32.06 -24.55 -15.98
N TRP A 160 -32.35 -23.48 -16.70
CA TRP A 160 -32.83 -22.23 -16.11
C TRP A 160 -34.35 -22.20 -16.16
N ASP A 161 -34.98 -22.35 -15.00
CA ASP A 161 -36.44 -22.32 -14.88
C ASP A 161 -36.78 -22.25 -13.40
N GLU A 162 -38.06 -22.41 -13.08
CA GLU A 162 -38.52 -22.16 -11.71
C GLU A 162 -38.02 -23.21 -10.73
N LYS A 163 -37.38 -24.29 -11.21
CA LYS A 163 -36.79 -25.28 -10.33
C LYS A 163 -35.34 -24.99 -10.00
N ASN A 164 -34.74 -24.03 -10.69
CA ASN A 164 -33.33 -23.74 -10.51
C ASN A 164 -33.10 -23.04 -9.17
N PRO A 165 -32.12 -23.45 -8.38
CA PRO A 165 -31.92 -22.82 -7.05
C PRO A 165 -31.66 -21.32 -7.11
N THR A 166 -30.95 -20.85 -8.14
CA THR A 166 -30.71 -19.42 -8.25
C THR A 166 -32.00 -18.68 -8.56
N TRP A 167 -32.86 -19.27 -9.40
CA TRP A 167 -34.18 -18.70 -9.65
C TRP A 167 -34.95 -18.52 -8.34
N VAL A 168 -35.03 -19.58 -7.54
CA VAL A 168 -35.77 -19.52 -6.29
C VAL A 168 -35.15 -18.50 -5.33
N LEU A 169 -33.82 -18.52 -5.21
CA LEU A 169 -33.15 -17.53 -4.36
C LEU A 169 -33.57 -16.11 -4.74
N LEU A 170 -33.56 -15.81 -6.04
CA LEU A 170 -33.93 -14.47 -6.51
C LEU A 170 -35.42 -14.23 -6.42
N GLU A 171 -36.24 -15.23 -6.78
CA GLU A 171 -37.68 -15.04 -6.68
C GLU A 171 -38.10 -14.76 -5.25
N GLU A 172 -37.40 -15.35 -4.29
CA GLU A 172 -37.75 -15.11 -2.90
C GLU A 172 -37.34 -13.72 -2.43
N CYS A 173 -36.53 -13.00 -3.21
CA CYS A 173 -36.29 -11.59 -2.96
C CYS A 173 -37.42 -10.69 -3.45
N GLY A 174 -38.44 -11.27 -4.08
CA GLY A 174 -39.52 -10.52 -4.67
C GLY A 174 -39.30 -10.15 -6.13
N LEU A 175 -38.19 -10.57 -6.72
CA LEU A 175 -37.92 -10.30 -8.12
C LEU A 175 -38.78 -11.17 -9.02
N ARG A 176 -39.37 -10.55 -10.04
CA ARG A 176 -40.05 -11.31 -11.10
C ARG A 176 -39.03 -11.84 -12.10
N LEU A 177 -39.06 -13.14 -12.34
CA LEU A 177 -38.10 -13.84 -13.17
C LEU A 177 -38.77 -14.41 -14.40
N GLN A 178 -37.99 -14.59 -15.46
CA GLN A 178 -38.49 -15.27 -16.66
C GLN A 178 -37.34 -16.06 -17.29
N VAL A 179 -37.70 -16.94 -18.23
CA VAL A 179 -36.70 -17.83 -18.81
C VAL A 179 -35.81 -17.09 -19.80
N GLU A 180 -36.41 -16.31 -20.71
CA GLU A 180 -35.63 -15.66 -21.75
C GLU A 180 -34.95 -14.40 -21.20
N SER A 181 -33.79 -14.09 -21.77
CA SER A 181 -33.11 -12.84 -21.44
C SER A 181 -33.93 -11.64 -21.94
N PRO A 182 -34.01 -10.55 -21.15
CA PRO A 182 -33.46 -10.38 -19.80
C PRO A 182 -34.27 -11.10 -18.73
N GLN A 183 -33.59 -11.93 -17.93
CA GLN A 183 -34.28 -12.88 -17.07
C GLN A 183 -34.81 -12.27 -15.78
N VAL A 184 -34.35 -11.09 -15.37
CA VAL A 184 -34.69 -10.51 -14.08
C VAL A 184 -35.36 -9.17 -14.31
N HIS A 185 -36.53 -8.98 -13.68
CA HIS A 185 -37.17 -7.68 -13.62
C HIS A 185 -36.84 -7.07 -12.27
N TRP A 186 -36.08 -5.97 -12.27
CA TRP A 186 -35.67 -5.37 -11.02
C TRP A 186 -36.78 -4.44 -10.52
N GLU A 187 -37.12 -4.56 -9.24
CA GLU A 187 -38.06 -3.69 -8.55
C GLU A 187 -37.36 -3.08 -7.33
N PRO A 188 -37.44 -1.76 -7.09
CA PRO A 188 -36.78 -1.19 -5.90
C PRO A 188 -37.20 -1.86 -4.60
N THR A 189 -38.45 -2.32 -4.48
CA THR A 189 -38.85 -2.99 -3.24
C THR A 189 -38.09 -4.28 -2.97
N SER A 190 -37.34 -4.80 -3.94
CA SER A 190 -36.52 -5.99 -3.70
C SER A 190 -35.14 -5.66 -3.18
N LEU A 191 -34.82 -4.38 -2.93
CA LEU A 191 -33.47 -4.01 -2.57
C LEU A 191 -33.07 -4.62 -1.22
N ILE A 192 -33.94 -4.53 -0.22
CA ILE A 192 -33.57 -5.00 1.12
C ILE A 192 -33.31 -6.51 1.15
N PRO A 193 -34.19 -7.37 0.64
CA PRO A 193 -33.86 -8.81 0.65
C PRO A 193 -32.68 -9.16 -0.25
N THR A 194 -32.55 -8.53 -1.43
CA THR A 194 -31.42 -8.90 -2.27
C THR A 194 -30.11 -8.45 -1.65
N SER A 195 -30.10 -7.29 -0.98
CA SER A 195 -28.90 -6.83 -0.28
C SER A 195 -28.50 -7.79 0.82
N ALA A 196 -29.48 -8.28 1.59
CA ALA A 196 -29.18 -9.27 2.63
C ALA A 196 -28.69 -10.56 2.02
N LEU A 197 -29.23 -10.96 0.87
CA LEU A 197 -28.76 -12.18 0.22
C LEU A 197 -27.32 -12.03 -0.24
N TYR A 198 -26.98 -10.86 -0.81
CA TYR A 198 -25.60 -10.58 -1.17
C TYR A 198 -24.69 -10.63 0.06
N ALA A 199 -25.09 -9.93 1.14
CA ALA A 199 -24.25 -9.90 2.33
C ALA A 199 -24.02 -11.29 2.87
N SER A 200 -25.07 -12.11 2.90
CA SER A 200 -24.95 -13.49 3.37
C SER A 200 -23.98 -14.28 2.50
N LEU A 201 -24.17 -14.24 1.18
CA LEU A 201 -23.28 -14.99 0.29
C LEU A 201 -21.84 -14.49 0.41
N PHE A 202 -21.65 -13.18 0.53
CA PHE A 202 -20.31 -12.64 0.60
C PHE A 202 -19.58 -13.12 1.84
N LEU A 203 -20.24 -13.02 3.00
CA LEU A 203 -19.61 -13.43 4.25
C LEU A 203 -19.42 -14.93 4.32
N LEU A 204 -20.40 -15.70 3.83
CA LEU A 204 -20.19 -17.15 3.78
C LEU A 204 -19.01 -17.48 2.88
N SER A 205 -18.86 -16.75 1.77
CA SER A 205 -17.71 -16.97 0.89
C SER A 205 -16.41 -16.60 1.57
N SER A 206 -16.43 -15.55 2.39
CA SER A 206 -15.20 -15.15 3.07
C SER A 206 -14.77 -16.21 4.09
N LEU A 207 -15.70 -17.01 4.60
CA LEU A 207 -15.34 -18.11 5.49
C LEU A 207 -14.86 -19.33 4.71
N GLY A 208 -15.32 -19.49 3.47
CA GLY A 208 -15.03 -20.69 2.71
C GLY A 208 -13.79 -20.64 1.85
N GLN A 209 -12.90 -19.69 2.11
CA GLN A 209 -11.75 -19.51 1.23
C GLN A 209 -10.48 -20.16 1.79
N ALA B 11 -37.68 -4.73 14.18
CA ALA B 11 -36.60 -5.46 13.52
C ALA B 11 -35.24 -4.99 14.01
N ALA B 12 -34.93 -3.73 13.74
CA ALA B 12 -33.64 -3.17 14.10
C ALA B 12 -33.52 -3.04 15.61
N ASP B 13 -32.32 -3.29 16.13
CA ASP B 13 -32.08 -3.09 17.55
C ASP B 13 -30.64 -2.69 17.76
N PHE B 14 -30.33 -2.33 19.00
CA PHE B 14 -28.99 -1.81 19.26
C PHE B 14 -27.93 -2.90 19.09
N GLN B 15 -28.23 -4.15 19.49
CA GLN B 15 -27.24 -5.22 19.27
C GLN B 15 -26.85 -5.30 17.81
N GLY B 16 -27.83 -5.19 16.90
CA GLY B 16 -27.49 -5.23 15.49
C GLY B 16 -26.63 -4.07 15.05
N LEU B 17 -26.95 -2.86 15.54
CA LEU B 17 -26.19 -1.68 15.17
C LEU B 17 -24.76 -1.75 15.71
N TYR B 18 -24.61 -2.12 16.99
CA TYR B 18 -23.28 -2.27 17.57
C TYR B 18 -22.45 -3.29 16.80
N ALA B 19 -23.03 -4.46 16.49
CA ALA B 19 -22.25 -5.49 15.81
C ALA B 19 -21.71 -4.98 14.48
N GLU B 20 -22.56 -4.30 13.72
CA GLU B 20 -22.17 -3.83 12.41
C GLU B 20 -21.04 -2.80 12.50
N VAL B 21 -21.19 -1.81 13.39
CA VAL B 21 -20.19 -0.76 13.49
C VAL B 21 -18.90 -1.32 14.08
N LYS B 22 -19.04 -2.21 15.07
CA LYS B 22 -17.87 -2.88 15.64
C LYS B 22 -17.09 -3.67 14.58
N ALA B 23 -17.81 -4.45 13.77
CA ALA B 23 -17.13 -5.24 12.74
C ALA B 23 -16.47 -4.32 11.70
N CYS B 24 -17.15 -3.26 11.31
CA CYS B 24 -16.58 -2.31 10.37
C CYS B 24 -15.33 -1.64 10.91
N SER B 25 -15.25 -1.45 12.24
CA SER B 25 -14.16 -0.72 12.86
C SER B 25 -12.87 -1.52 12.96
N SER B 26 -12.91 -2.84 12.74
CA SER B 26 -11.79 -3.70 13.13
C SER B 26 -10.48 -3.24 12.52
N GLU B 27 -10.49 -2.94 11.20
CA GLU B 27 -9.23 -2.60 10.56
C GLU B 27 -8.78 -1.17 10.85
N LEU B 28 -9.70 -0.30 11.24
CA LEU B 28 -9.28 1.03 11.64
C LEU B 28 -8.57 0.99 12.98
N GLU B 29 -9.08 0.18 13.91
CA GLU B 29 -8.48 0.17 15.23
C GLU B 29 -7.09 -0.46 15.24
N SER B 30 -6.82 -1.37 14.31
CA SER B 30 -5.51 -2.01 14.24
C SER B 30 -4.55 -1.28 13.31
N LEU B 31 -5.00 -0.18 12.70
CA LEU B 31 -4.10 0.64 11.89
C LEU B 31 -3.01 1.28 12.75
N GLU B 32 -1.81 1.38 12.18
CA GLU B 32 -0.68 2.04 12.85
C GLU B 32 -1.06 3.43 13.32
N MET B 33 -0.51 3.82 14.47
CA MET B 33 -0.96 5.06 15.12
C MET B 33 -0.73 6.27 14.22
N GLU B 34 0.40 6.32 13.51
CA GLU B 34 0.69 7.48 12.66
C GLU B 34 -0.36 7.66 11.57
N LEU B 35 -0.78 6.55 10.97
CA LEU B 35 -1.76 6.65 9.90
C LEU B 35 -3.16 6.94 10.45
N ARG B 36 -3.49 6.36 11.61
CA ARG B 36 -4.76 6.69 12.25
C ARG B 36 -4.83 8.18 12.54
N GLN B 37 -3.74 8.77 13.02
CA GLN B 37 -3.75 10.20 13.32
C GLN B 37 -3.84 11.04 12.05
N GLN B 38 -3.06 10.70 11.02
CA GLN B 38 -3.17 11.40 9.74
C GLN B 38 -4.59 11.36 9.19
N ILE B 39 -5.24 10.20 9.24
CA ILE B 39 -6.61 10.11 8.73
C ILE B 39 -7.55 10.98 9.57
N LEU B 40 -7.46 10.86 10.90
CA LEU B 40 -8.44 11.52 11.76
C LEU B 40 -8.33 13.04 11.65
N VAL B 41 -7.11 13.56 11.69
CA VAL B 41 -6.92 15.01 11.61
C VAL B 41 -7.48 15.55 10.32
N ASN B 42 -7.27 14.82 9.22
CA ASN B 42 -7.74 15.30 7.95
C ASN B 42 -9.23 15.05 7.74
N ILE B 43 -9.81 14.04 8.41
CA ILE B 43 -11.26 13.94 8.40
C ILE B 43 -11.86 15.17 9.06
N GLY B 44 -11.25 15.63 10.16
CA GLY B 44 -11.71 16.87 10.79
C GLY B 44 -11.71 18.04 9.82
N LYS B 45 -10.72 18.09 8.92
CA LYS B 45 -10.68 19.19 7.96
C LYS B 45 -11.69 19.02 6.83
N ILE B 46 -11.91 17.80 6.33
CA ILE B 46 -12.90 17.69 5.26
C ILE B 46 -14.32 17.82 5.80
N LEU B 47 -14.54 17.58 7.11
CA LEU B 47 -15.85 17.82 7.72
C LEU B 47 -16.21 19.31 7.71
N GLN B 48 -15.21 20.18 7.54
CA GLN B 48 -15.43 21.61 7.40
C GLN B 48 -15.41 22.04 5.93
N ASP B 49 -15.32 21.09 4.99
CA ASP B 49 -15.13 21.35 3.56
C ASP B 49 -15.83 20.21 2.84
N GLN B 50 -17.17 20.26 2.80
CA GLN B 50 -17.95 19.13 2.30
C GLN B 50 -17.63 18.68 0.88
N PRO B 51 -17.34 19.57 -0.08
CA PRO B 51 -16.97 19.07 -1.42
C PRO B 51 -15.77 18.16 -1.43
N SER B 52 -14.82 18.37 -0.51
CA SER B 52 -13.67 17.46 -0.40
C SER B 52 -14.11 16.09 0.08
N MET B 53 -15.08 16.04 0.98
CA MET B 53 -15.62 14.75 1.42
C MET B 53 -16.27 14.02 0.25
N GLU B 54 -17.05 14.73 -0.56
CA GLU B 54 -17.67 14.11 -1.73
C GLU B 54 -16.62 13.61 -2.72
N ALA B 55 -15.54 14.39 -2.90
CA ALA B 55 -14.47 13.96 -3.80
C ALA B 55 -13.79 12.71 -3.29
N LEU B 56 -13.50 12.66 -1.98
CA LEU B 56 -12.89 11.46 -1.42
C LEU B 56 -13.82 10.27 -1.58
N GLU B 57 -15.12 10.47 -1.31
CA GLU B 57 -16.06 9.37 -1.44
C GLU B 57 -16.10 8.85 -2.87
N ALA B 58 -16.06 9.75 -3.86
CA ALA B 58 -16.10 9.33 -5.25
C ALA B 58 -14.86 8.54 -5.62
N SER B 59 -13.69 8.96 -5.15
CA SER B 59 -12.46 8.24 -5.46
C SER B 59 -12.43 6.86 -4.81
N LEU B 60 -12.85 6.77 -3.54
CA LEU B 60 -12.81 5.49 -2.84
C LEU B 60 -13.86 4.54 -3.39
N GLY B 61 -15.05 5.05 -3.69
CA GLY B 61 -16.12 4.20 -4.17
C GLY B 61 -15.76 3.56 -5.49
N GLN B 62 -15.26 4.35 -6.43
CA GLN B 62 -14.86 3.79 -7.71
C GLN B 62 -13.64 2.87 -7.55
N GLY B 63 -12.72 3.22 -6.66
CA GLY B 63 -11.56 2.36 -6.43
C GLY B 63 -11.93 1.01 -5.82
N LEU B 64 -12.88 1.01 -4.89
CA LEU B 64 -13.32 -0.23 -4.24
C LEU B 64 -14.03 -1.15 -5.22
N CYS B 65 -14.91 -0.61 -6.06
CA CYS B 65 -15.68 -1.47 -6.95
C CYS B 65 -14.90 -1.89 -8.19
N SER B 66 -13.95 -1.06 -8.64
CA SER B 66 -13.18 -1.37 -9.83
C SER B 66 -11.90 -2.13 -9.53
N GLY B 67 -11.33 -1.95 -8.34
CA GLY B 67 -10.05 -2.55 -8.01
C GLY B 67 -8.86 -1.95 -8.73
N GLY B 68 -9.05 -0.82 -9.43
CA GLY B 68 -8.01 -0.21 -10.22
C GLY B 68 -7.20 0.81 -9.45
N GLN B 69 -6.33 1.49 -10.18
CA GLN B 69 -5.52 2.55 -9.60
C GLN B 69 -6.36 3.82 -9.39
N VAL B 70 -6.14 4.45 -8.25
CA VAL B 70 -6.88 5.64 -7.85
C VAL B 70 -5.99 6.86 -8.01
N GLU B 71 -6.51 7.89 -8.67
CA GLU B 71 -5.73 9.10 -8.88
C GLU B 71 -5.59 9.86 -7.57
N PRO B 72 -4.42 10.41 -7.27
CA PRO B 72 -4.25 11.15 -6.01
C PRO B 72 -5.14 12.39 -5.98
N LEU B 73 -5.48 12.83 -4.76
CA LEU B 73 -6.28 14.01 -4.55
C LEU B 73 -5.45 15.12 -3.91
N ASP B 74 -5.95 16.35 -4.00
CA ASP B 74 -5.31 17.49 -3.36
C ASP B 74 -5.77 17.62 -1.91
N GLY B 75 -4.97 18.35 -1.13
CA GLY B 75 -5.39 18.79 0.17
C GLY B 75 -5.65 17.67 1.16
N PRO B 76 -6.46 17.98 2.18
CA PRO B 76 -6.77 16.95 3.20
C PRO B 76 -7.37 15.67 2.66
N ALA B 77 -8.24 15.75 1.65
CA ALA B 77 -8.79 14.52 1.09
C ALA B 77 -7.66 13.65 0.54
N GLY B 78 -6.67 14.28 -0.08
CA GLY B 78 -5.53 13.54 -0.57
C GLY B 78 -4.67 12.95 0.54
N CYS B 79 -4.57 13.65 1.68
CA CYS B 79 -3.81 13.12 2.81
C CYS B 79 -4.45 11.86 3.38
N ILE B 80 -5.78 11.79 3.38
CA ILE B 80 -6.47 10.57 3.78
C ILE B 80 -6.23 9.47 2.75
N LEU B 81 -6.45 9.78 1.47
CA LEU B 81 -6.32 8.77 0.43
C LEU B 81 -4.93 8.12 0.45
N GLU B 82 -3.89 8.93 0.67
CA GLU B 82 -2.52 8.41 0.74
C GLU B 82 -2.37 7.31 1.77
N CYS B 83 -3.16 7.35 2.84
CA CYS B 83 -3.08 6.31 3.87
C CYS B 83 -3.80 5.03 3.48
N LEU B 84 -4.54 5.04 2.38
CA LEU B 84 -5.43 3.95 2.01
C LEU B 84 -5.02 3.26 0.71
N VAL B 85 -3.90 3.65 0.10
CA VAL B 85 -3.50 3.14 -1.20
C VAL B 85 -2.10 2.54 -1.09
N LEU B 86 -1.82 1.59 -1.97
CA LEU B 86 -0.46 1.13 -2.22
C LEU B 86 0.28 2.16 -3.08
N ASP B 87 1.59 2.00 -3.19
CA ASP B 87 2.35 2.87 -4.09
C ASP B 87 1.96 2.70 -5.54
N SER B 88 1.30 1.58 -5.90
CA SER B 88 0.80 1.40 -7.26
C SER B 88 -0.46 2.22 -7.51
N GLY B 89 -1.04 2.82 -6.49
CA GLY B 89 -2.31 3.50 -6.63
C GLY B 89 -3.52 2.63 -6.35
N GLU B 90 -3.32 1.31 -6.18
CA GLU B 90 -4.45 0.45 -5.84
C GLU B 90 -4.85 0.64 -4.39
N LEU B 91 -6.16 0.63 -4.13
CA LEU B 91 -6.65 0.74 -2.75
C LEU B 91 -6.29 -0.50 -1.97
N VAL B 92 -6.06 -0.30 -0.67
CA VAL B 92 -6.05 -1.39 0.31
C VAL B 92 -7.50 -1.56 0.73
N PRO B 93 -8.23 -2.56 0.21
CA PRO B 93 -9.67 -2.62 0.47
C PRO B 93 -10.00 -2.70 1.94
N GLU B 94 -9.17 -3.40 2.73
CA GLU B 94 -9.42 -3.56 4.16
C GLU B 94 -9.40 -2.22 4.88
N LEU B 95 -8.74 -1.22 4.35
CA LEU B 95 -8.78 0.13 4.94
C LEU B 95 -9.75 1.07 4.24
N ALA B 96 -9.83 0.99 2.92
CA ALA B 96 -10.71 1.91 2.21
C ALA B 96 -12.17 1.63 2.48
N ALA B 97 -12.54 0.36 2.65
CA ALA B 97 -13.95 0.03 2.86
C ALA B 97 -14.50 0.64 4.15
N PRO B 98 -13.85 0.50 5.32
CA PRO B 98 -14.40 1.15 6.53
C PRO B 98 -14.40 2.67 6.42
N ILE B 99 -13.42 3.26 5.74
CA ILE B 99 -13.46 4.70 5.56
C ILE B 99 -14.63 5.10 4.67
N PHE B 100 -14.90 4.35 3.61
CA PHE B 100 -16.07 4.65 2.80
C PHE B 100 -17.36 4.51 3.63
N TYR B 101 -17.43 3.48 4.47
CA TYR B 101 -18.57 3.29 5.37
C TYR B 101 -18.73 4.48 6.31
N LEU B 102 -17.62 4.98 6.86
CA LEU B 102 -17.64 6.15 7.72
C LEU B 102 -18.10 7.40 6.97
N LEU B 103 -17.59 7.61 5.74
CA LEU B 103 -18.03 8.77 4.96
C LEU B 103 -19.53 8.69 4.66
N GLY B 104 -20.04 7.47 4.46
CA GLY B 104 -21.46 7.30 4.24
C GLY B 104 -22.29 7.67 5.46
N ALA B 105 -21.82 7.29 6.66
CA ALA B 105 -22.53 7.65 7.88
C ALA B 105 -22.50 9.16 8.09
N LEU B 106 -21.34 9.78 7.91
CA LEU B 106 -21.22 11.23 8.04
C LEU B 106 -22.13 11.97 7.05
N ALA B 107 -22.32 11.41 5.86
CA ALA B 107 -23.14 12.06 4.84
C ALA B 107 -24.63 12.08 5.19
N VAL B 108 -25.07 11.19 6.07
CA VAL B 108 -26.44 11.20 6.58
C VAL B 108 -26.67 12.42 7.46
N LEU B 109 -25.62 12.88 8.13
CA LEU B 109 -25.73 13.96 9.11
C LEU B 109 -25.84 15.31 8.44
N SER B 110 -26.42 16.27 9.16
CA SER B 110 -26.52 17.63 8.68
C SER B 110 -25.15 18.31 8.68
N GLU B 111 -25.03 19.40 7.92
CA GLU B 111 -23.79 20.18 7.95
C GLU B 111 -23.48 20.65 9.36
N THR B 112 -24.50 21.07 10.11
CA THR B 112 -24.29 21.49 11.49
C THR B 112 -23.68 20.38 12.33
N GLN B 113 -24.22 19.16 12.21
CA GLN B 113 -23.66 18.04 12.95
C GLN B 113 -22.23 17.73 12.50
N GLN B 114 -21.98 17.78 11.19
CA GLN B 114 -20.63 17.51 10.69
C GLN B 114 -19.62 18.48 11.27
N GLN B 115 -19.98 19.76 11.33
CA GLN B 115 -19.07 20.75 11.91
C GLN B 115 -18.87 20.51 13.40
N LEU B 116 -19.92 20.12 14.11
CA LEU B 116 -19.76 19.82 15.53
C LEU B 116 -18.83 18.62 15.75
N LEU B 117 -18.95 17.59 14.90
CA LEU B 117 -18.04 16.46 15.03
C LEU B 117 -16.61 16.88 14.74
N ALA B 118 -16.40 17.74 13.74
CA ALA B 118 -15.07 18.23 13.45
C ALA B 118 -14.45 18.86 14.69
N LYS B 119 -15.25 19.63 15.44
CA LYS B 119 -14.71 20.27 16.62
C LYS B 119 -14.48 19.28 17.76
N ALA B 120 -15.33 18.25 17.88
CA ALA B 120 -15.22 17.29 18.97
C ALA B 120 -14.00 16.39 18.81
N LEU B 121 -13.59 16.15 17.56
CA LEU B 121 -12.47 15.25 17.27
C LEU B 121 -11.20 15.68 17.97
N GLU B 122 -11.03 16.98 18.16
CA GLU B 122 -9.78 17.48 18.67
C GLU B 122 -9.57 17.17 20.15
N THR B 123 -10.59 16.65 20.85
CA THR B 123 -10.57 16.63 22.31
C THR B 123 -11.26 15.37 22.86
N THR B 124 -11.26 15.28 24.19
CA THR B 124 -12.03 14.32 24.96
C THR B 124 -13.53 14.40 24.69
N VAL B 125 -14.01 15.50 24.09
CA VAL B 125 -15.43 15.67 23.87
C VAL B 125 -15.98 14.53 23.03
N LEU B 126 -15.18 14.02 22.09
CA LEU B 126 -15.64 12.98 21.18
C LEU B 126 -16.09 11.74 21.96
N SER B 127 -15.26 11.29 22.90
CA SER B 127 -15.61 10.10 23.68
C SER B 127 -16.86 10.32 24.53
N LYS B 128 -17.01 11.53 25.09
CA LYS B 128 -18.22 11.82 25.87
C LYS B 128 -19.45 11.81 24.98
N GLN B 129 -19.36 12.38 23.78
CA GLN B 129 -20.52 12.36 22.90
C GLN B 129 -20.83 10.94 22.42
N LEU B 130 -19.82 10.12 22.17
CA LEU B 130 -20.09 8.73 21.82
C LEU B 130 -20.83 8.02 22.97
N GLU B 131 -20.37 8.23 24.21
CA GLU B 131 -21.05 7.59 25.33
C GLU B 131 -22.51 8.07 25.45
N LEU B 132 -22.73 9.35 25.21
CA LEU B 132 -24.09 9.89 25.32
C LEU B 132 -25.00 9.33 24.24
N VAL B 133 -24.52 9.31 22.99
CA VAL B 133 -25.36 8.80 21.91
C VAL B 133 -25.57 7.30 22.08
N LYS B 134 -24.54 6.58 22.51
CA LYS B 134 -24.73 5.16 22.82
C LYS B 134 -25.81 4.98 23.89
N HIS B 135 -25.77 5.84 24.91
CA HIS B 135 -26.75 5.72 25.97
C HIS B 135 -28.16 5.97 25.42
N VAL B 136 -28.32 7.00 24.59
CA VAL B 136 -29.63 7.28 24.01
C VAL B 136 -30.14 6.07 23.24
N LEU B 137 -29.28 5.45 22.41
CA LEU B 137 -29.72 4.32 21.61
C LEU B 137 -29.99 3.09 22.47
N GLU B 138 -29.13 2.81 23.46
CA GLU B 138 -29.40 1.66 24.33
C GLU B 138 -30.63 1.87 25.18
N GLN B 139 -30.79 3.05 25.72
CA GLN B 139 -31.86 3.28 26.67
C GLN B 139 -33.22 3.42 25.99
N SER B 140 -33.26 3.69 24.69
CA SER B 140 -34.52 3.88 23.97
C SER B 140 -35.08 2.58 23.44
N THR B 141 -34.40 1.45 23.65
CA THR B 141 -34.99 0.16 23.30
C THR B 141 -36.25 -0.03 24.13
N PRO B 142 -37.39 -0.41 23.50
CA PRO B 142 -37.67 -0.69 22.09
C PRO B 142 -37.82 0.56 21.21
N TRP B 143 -37.03 0.59 20.14
CA TRP B 143 -36.91 1.77 19.28
C TRP B 143 -38.24 2.16 18.65
N GLN B 144 -39.16 1.23 18.47
CA GLN B 144 -40.38 1.61 17.77
C GLN B 144 -41.39 2.31 18.66
N GLU B 145 -41.12 2.44 19.96
CA GLU B 145 -42.01 3.17 20.85
C GLU B 145 -41.36 4.50 21.22
N GLN B 146 -42.09 5.59 21.03
CA GLN B 146 -41.57 6.86 21.56
C GLN B 146 -41.56 6.80 23.07
N SER B 147 -40.61 7.51 23.67
CA SER B 147 -40.40 7.37 25.12
C SER B 147 -39.47 8.49 25.59
N SER B 148 -39.26 8.52 26.90
CA SER B 148 -38.35 9.46 27.54
C SER B 148 -37.03 8.77 27.87
N VAL B 149 -35.93 9.51 27.72
CA VAL B 149 -34.61 9.02 28.07
C VAL B 149 -33.92 10.05 28.96
N SER B 150 -33.46 9.61 30.13
CA SER B 150 -32.68 10.46 31.02
C SER B 150 -31.19 10.32 30.70
N LEU B 151 -30.47 11.43 30.74
CA LEU B 151 -29.06 11.47 30.40
C LEU B 151 -28.20 11.67 31.64
N PRO B 152 -27.02 11.06 31.70
CA PRO B 152 -26.11 11.34 32.84
C PRO B 152 -25.64 12.78 32.77
N THR B 153 -26.02 13.58 33.77
CA THR B 153 -25.72 15.00 33.72
C THR B 153 -24.22 15.28 33.66
N VAL B 154 -23.39 14.37 34.20
CA VAL B 154 -21.94 14.67 34.20
C VAL B 154 -21.40 14.75 32.79
N LEU B 155 -22.06 14.13 31.82
CA LEU B 155 -21.60 14.14 30.44
C LEU B 155 -22.12 15.32 29.63
N LEU B 156 -22.96 16.16 30.21
CA LEU B 156 -23.60 17.25 29.47
C LEU B 156 -22.84 18.56 29.52
N GLY B 157 -21.73 18.62 30.25
CA GLY B 157 -20.97 19.84 30.31
C GLY B 157 -21.51 20.80 31.34
N ASP B 158 -20.92 21.99 31.33
CA ASP B 158 -21.25 22.99 32.35
C ASP B 158 -22.67 23.55 32.17
N CYS B 159 -23.14 23.68 30.93
CA CYS B 159 -24.41 24.33 30.68
C CYS B 159 -25.21 23.51 29.68
N TRP B 160 -26.28 22.88 30.17
CA TRP B 160 -27.17 22.08 29.33
C TRP B 160 -28.31 22.96 28.87
N ASP B 161 -28.25 23.39 27.61
CA ASP B 161 -29.32 24.17 27.00
C ASP B 161 -29.18 24.03 25.48
N GLU B 162 -29.99 24.79 24.75
CA GLU B 162 -30.09 24.58 23.31
C GLU B 162 -28.85 25.04 22.56
N LYS B 163 -27.92 25.71 23.22
CA LYS B 163 -26.65 26.09 22.63
C LYS B 163 -25.56 25.05 22.88
N ASN B 164 -25.84 24.05 23.70
CA ASN B 164 -24.84 23.04 24.04
C ASN B 164 -24.61 22.13 22.83
N PRO B 165 -23.34 21.82 22.51
CA PRO B 165 -23.06 21.02 21.30
C PRO B 165 -23.74 19.65 21.29
N THR B 166 -23.84 18.99 22.44
CA THR B 166 -24.51 17.70 22.49
C THR B 166 -26.00 17.84 22.26
N TRP B 167 -26.58 18.92 22.77
CA TRP B 167 -27.98 19.22 22.49
C TRP B 167 -28.21 19.37 20.99
N VAL B 168 -27.42 20.22 20.34
CA VAL B 168 -27.60 20.45 18.90
C VAL B 168 -27.41 19.15 18.13
N LEU B 169 -26.36 18.39 18.47
CA LEU B 169 -26.09 17.12 17.81
C LEU B 169 -27.30 16.19 17.88
N LEU B 170 -27.94 16.09 19.05
CA LEU B 170 -29.12 15.23 19.21
C LEU B 170 -30.35 15.84 18.58
N GLU B 171 -30.59 17.14 18.79
CA GLU B 171 -31.78 17.75 18.21
C GLU B 171 -31.74 17.68 16.69
N GLU B 172 -30.55 17.69 16.10
CA GLU B 172 -30.46 17.59 14.65
C GLU B 172 -30.78 16.20 14.13
N CYS B 173 -30.86 15.20 15.02
CA CYS B 173 -31.38 13.88 14.66
C CYS B 173 -32.91 13.84 14.65
N GLY B 174 -33.57 14.92 15.03
CA GLY B 174 -35.01 14.93 15.19
C GLY B 174 -35.49 14.60 16.60
N LEU B 175 -34.57 14.40 17.53
CA LEU B 175 -34.97 14.17 18.92
C LEU B 175 -35.43 15.48 19.54
N ARG B 176 -36.36 15.37 20.48
CA ARG B 176 -36.91 16.57 21.11
C ARG B 176 -36.34 16.64 22.53
N LEU B 177 -35.69 17.76 22.85
CA LEU B 177 -34.90 17.86 24.06
C LEU B 177 -35.47 18.91 24.99
N GLN B 178 -35.14 18.74 26.28
CA GLN B 178 -35.49 19.72 27.30
C GLN B 178 -34.38 19.76 28.34
N VAL B 179 -34.45 20.78 29.20
CA VAL B 179 -33.40 20.98 30.19
C VAL B 179 -33.51 19.95 31.32
N GLU B 180 -34.73 19.77 31.81
CA GLU B 180 -35.00 18.92 32.96
C GLU B 180 -34.94 17.44 32.56
N SER B 181 -34.42 16.63 33.47
CA SER B 181 -34.53 15.18 33.29
C SER B 181 -36.00 14.78 33.30
N PRO B 182 -36.42 13.89 32.37
CA PRO B 182 -35.64 13.25 31.30
C PRO B 182 -35.42 14.19 30.11
N GLN B 183 -34.18 14.34 29.69
CA GLN B 183 -33.84 15.40 28.76
C GLN B 183 -34.17 15.06 27.32
N VAL B 184 -34.34 13.79 26.98
CA VAL B 184 -34.50 13.40 25.57
C VAL B 184 -35.85 12.71 25.40
N HIS B 185 -36.61 13.15 24.40
CA HIS B 185 -37.79 12.40 23.97
C HIS B 185 -37.38 11.61 22.73
N TRP B 186 -37.40 10.29 22.85
CA TRP B 186 -37.03 9.44 21.73
C TRP B 186 -38.16 9.38 20.73
N GLU B 187 -37.83 9.58 19.46
CA GLU B 187 -38.77 9.48 18.37
C GLU B 187 -38.33 8.32 17.48
N PRO B 188 -39.19 7.35 17.18
CA PRO B 188 -38.76 6.27 16.29
C PRO B 188 -38.24 6.75 14.95
N THR B 189 -38.79 7.85 14.43
CA THR B 189 -38.30 8.40 13.16
C THR B 189 -36.89 8.96 13.28
N SER B 190 -36.34 9.10 14.49
CA SER B 190 -34.96 9.54 14.65
C SER B 190 -33.97 8.40 14.57
N LEU B 191 -34.41 7.17 14.33
CA LEU B 191 -33.51 6.03 14.42
C LEU B 191 -32.39 6.14 13.38
N ILE B 192 -32.74 6.44 12.12
CA ILE B 192 -31.71 6.48 11.07
C ILE B 192 -30.66 7.55 11.34
N PRO B 193 -31.02 8.81 11.61
CA PRO B 193 -29.95 9.81 11.88
C PRO B 193 -29.16 9.51 13.14
N THR B 194 -29.84 9.06 14.21
CA THR B 194 -29.10 8.79 15.44
C THR B 194 -28.18 7.58 15.27
N SER B 195 -28.60 6.57 14.50
CA SER B 195 -27.71 5.45 14.19
C SER B 195 -26.48 5.92 13.42
N ALA B 196 -26.67 6.80 12.44
CA ALA B 196 -25.53 7.30 11.67
C ALA B 196 -24.61 8.13 12.56
N LEU B 197 -25.18 8.89 13.49
CA LEU B 197 -24.36 9.67 14.41
C LEU B 197 -23.56 8.75 15.31
N TYR B 198 -24.19 7.69 15.82
CA TYR B 198 -23.46 6.70 16.59
C TYR B 198 -22.35 6.07 15.77
N ALA B 199 -22.66 5.63 14.54
CA ALA B 199 -21.62 5.00 13.72
C ALA B 199 -20.46 5.95 13.49
N SER B 200 -20.76 7.21 13.20
CA SER B 200 -19.72 8.20 12.95
C SER B 200 -18.85 8.39 14.19
N LEU B 201 -19.49 8.60 15.35
CA LEU B 201 -18.72 8.79 16.58
C LEU B 201 -17.89 7.56 16.91
N PHE B 202 -18.45 6.37 16.72
CA PHE B 202 -17.74 5.14 17.06
C PHE B 202 -16.51 4.97 16.17
N LEU B 203 -16.67 5.15 14.86
CA LEU B 203 -15.55 4.96 13.95
C LEU B 203 -14.49 6.07 14.09
N LEU B 204 -14.92 7.30 14.33
CA LEU B 204 -13.96 8.36 14.61
C LEU B 204 -13.19 8.05 15.88
N SER B 205 -13.87 7.51 16.89
CA SER B 205 -13.19 7.09 18.13
C SER B 205 -12.21 5.96 17.88
N SER B 206 -12.55 5.03 16.98
CA SER B 206 -11.62 3.95 16.70
C SER B 206 -10.36 4.45 16.01
N LEU B 207 -10.42 5.61 15.34
CA LEU B 207 -9.20 6.22 14.80
C LEU B 207 -8.42 7.00 15.84
N GLY B 208 -9.11 7.56 16.83
CA GLY B 208 -8.46 8.41 17.81
C GLY B 208 -7.93 7.63 18.99
N ALA C 12 30.33 5.47 -0.62
CA ALA C 12 31.33 5.66 0.42
C ALA C 12 30.72 5.67 1.82
N ASP C 13 29.40 5.90 1.91
CA ASP C 13 28.75 5.89 3.21
C ASP C 13 27.31 5.39 3.07
N PHE C 14 26.63 5.23 4.20
CA PHE C 14 25.31 4.62 4.17
C PHE C 14 24.29 5.51 3.48
N GLN C 15 24.39 6.82 3.65
CA GLN C 15 23.48 7.73 2.96
C GLN C 15 23.51 7.48 1.46
N GLY C 16 24.70 7.36 0.86
CA GLY C 16 24.79 7.13 -0.57
C GLY C 16 24.20 5.78 -0.97
N LEU C 17 24.46 4.75 -0.15
CA LEU C 17 23.93 3.43 -0.46
C LEU C 17 22.41 3.43 -0.35
N TYR C 18 21.86 4.00 0.72
CA TYR C 18 20.41 4.08 0.85
C TYR C 18 19.79 4.83 -0.32
N ALA C 19 20.36 6.00 -0.68
CA ALA C 19 19.77 6.78 -1.76
C ALA C 19 19.74 5.99 -3.07
N GLU C 20 20.83 5.29 -3.37
CA GLU C 20 20.92 4.54 -4.61
C GLU C 20 19.89 3.40 -4.63
N VAL C 21 19.82 2.62 -3.56
CA VAL C 21 18.89 1.49 -3.52
C VAL C 21 17.46 1.98 -3.48
N LYS C 22 17.19 3.05 -2.71
CA LYS C 22 15.85 3.63 -2.67
C LYS C 22 15.40 4.11 -4.05
N ALA C 23 16.28 4.83 -4.75
CA ALA C 23 15.92 5.31 -6.09
C ALA C 23 15.72 4.15 -7.05
N CYS C 24 16.57 3.13 -6.97
CA CYS C 24 16.40 1.96 -7.84
C CYS C 24 15.09 1.23 -7.57
N SER C 25 14.60 1.27 -6.33
CA SER C 25 13.43 0.50 -5.93
C SER C 25 12.12 1.12 -6.37
N SER C 26 12.11 2.38 -6.81
CA SER C 26 10.87 3.14 -6.93
C SER C 26 9.86 2.47 -7.83
N GLU C 27 10.32 2.01 -9.00
CA GLU C 27 9.36 1.43 -9.94
C GLU C 27 8.94 0.01 -9.57
N LEU C 28 9.72 -0.69 -8.73
CA LEU C 28 9.25 -1.96 -8.20
C LEU C 28 8.15 -1.76 -7.17
N GLU C 29 8.30 -0.75 -6.30
CA GLU C 29 7.32 -0.55 -5.25
C GLU C 29 5.99 -0.09 -5.82
N SER C 30 6.00 0.61 -6.96
CA SER C 30 4.76 1.09 -7.54
C SER C 30 4.16 0.14 -8.57
N LEU C 31 4.81 -0.99 -8.81
CA LEU C 31 4.26 -2.00 -9.70
C LEU C 31 2.97 -2.57 -9.11
N GLU C 32 2.00 -2.89 -9.96
CA GLU C 32 0.74 -3.45 -9.49
C GLU C 32 0.98 -4.75 -8.72
N MET C 33 0.13 -5.01 -7.73
CA MET C 33 0.44 -6.05 -6.75
C MET C 33 0.50 -7.43 -7.42
N GLU C 34 -0.37 -7.69 -8.38
CA GLU C 34 -0.37 -8.96 -9.09
C GLU C 34 0.99 -9.24 -9.71
N LEU C 35 1.61 -8.24 -10.33
CA LEU C 35 2.89 -8.47 -10.99
C LEU C 35 4.02 -8.54 -9.99
N ARG C 36 3.98 -7.75 -8.92
CA ARG C 36 4.98 -7.87 -7.87
C ARG C 36 4.99 -9.27 -7.30
N GLN C 37 3.80 -9.83 -7.07
CA GLN C 37 3.69 -11.16 -6.50
C GLN C 37 4.28 -12.19 -7.45
N GLN C 38 3.93 -12.11 -8.74
CA GLN C 38 4.47 -13.06 -9.70
C GLN C 38 5.99 -12.98 -9.79
N ILE C 39 6.53 -11.76 -9.83
CA ILE C 39 7.97 -11.63 -9.90
C ILE C 39 8.61 -12.20 -8.64
N LEU C 40 8.08 -11.86 -7.47
CA LEU C 40 8.73 -12.25 -6.23
C LEU C 40 8.71 -13.77 -6.06
N VAL C 41 7.58 -14.41 -6.32
CA VAL C 41 7.47 -15.86 -6.16
C VAL C 41 8.47 -16.56 -7.06
N ASN C 42 8.65 -16.06 -8.28
CA ASN C 42 9.57 -16.70 -9.21
C ASN C 42 11.02 -16.32 -8.95
N ILE C 43 11.29 -15.16 -8.35
CA ILE C 43 12.64 -14.89 -7.88
C ILE C 43 13.03 -15.89 -6.81
N GLY C 44 12.10 -16.25 -5.92
CA GLY C 44 12.38 -17.29 -4.95
C GLY C 44 12.82 -18.58 -5.60
N LYS C 45 12.27 -18.89 -6.78
CA LYS C 45 12.68 -20.12 -7.44
C LYS C 45 14.01 -19.98 -8.15
N ILE C 46 14.25 -18.86 -8.84
CA ILE C 46 15.53 -18.73 -9.55
C ILE C 46 16.69 -18.50 -8.62
N LEU C 47 16.44 -18.07 -7.38
CA LEU C 47 17.52 -17.98 -6.41
C LEU C 47 18.15 -19.33 -6.13
N GLN C 48 17.48 -20.41 -6.50
CA GLN C 48 17.98 -21.76 -6.30
C GLN C 48 18.69 -22.29 -7.52
N ASP C 49 18.85 -21.46 -8.56
CA ASP C 49 19.29 -21.95 -9.88
C ASP C 49 20.10 -20.85 -10.56
N GLN C 50 21.39 -20.79 -10.23
CA GLN C 50 22.25 -19.75 -10.76
C GLN C 50 22.28 -19.69 -12.29
N PRO C 51 22.26 -20.81 -13.04
CA PRO C 51 22.15 -20.67 -14.49
C PRO C 51 20.89 -19.94 -14.93
N SER C 52 19.77 -20.11 -14.23
CA SER C 52 18.55 -19.39 -14.59
C SER C 52 18.68 -17.90 -14.31
N MET C 53 19.34 -17.53 -13.21
CA MET C 53 19.59 -16.11 -12.96
C MET C 53 20.48 -15.52 -14.03
N GLU C 54 21.53 -16.25 -14.44
CA GLU C 54 22.41 -15.75 -15.50
C GLU C 54 21.67 -15.58 -16.82
N ALA C 55 20.79 -16.53 -17.15
CA ALA C 55 20.02 -16.42 -18.39
C ALA C 55 19.12 -15.20 -18.38
N LEU C 56 18.41 -14.98 -17.27
CA LEU C 56 17.56 -13.80 -17.17
C LEU C 56 18.40 -12.52 -17.24
N GLU C 57 19.54 -12.50 -16.55
CA GLU C 57 20.40 -11.32 -16.60
C GLU C 57 20.88 -11.04 -18.03
N ALA C 58 21.24 -12.09 -18.78
CA ALA C 58 21.68 -11.89 -20.16
C ALA C 58 20.54 -11.36 -21.03
N SER C 59 19.32 -11.87 -20.83
CA SER C 59 18.20 -11.39 -21.66
C SER C 59 17.89 -9.94 -21.35
N LEU C 60 17.89 -9.56 -20.07
CA LEU C 60 17.55 -8.20 -19.68
C LEU C 60 18.64 -7.22 -20.09
N GLY C 61 19.90 -7.61 -19.90
CA GLY C 61 20.99 -6.71 -20.22
C GLY C 61 21.02 -6.33 -21.68
N GLN C 62 20.92 -7.33 -22.57
CA GLN C 62 20.91 -7.04 -23.99
C GLN C 62 19.64 -6.29 -24.39
N GLY C 63 18.52 -6.64 -23.78
CA GLY C 63 17.29 -5.92 -24.07
C GLY C 63 17.34 -4.46 -23.64
N LEU C 64 17.95 -4.19 -22.50
CA LEU C 64 18.07 -2.81 -22.00
C LEU C 64 19.00 -1.98 -22.87
N CYS C 65 20.15 -2.54 -23.25
CA CYS C 65 21.14 -1.75 -23.98
C CYS C 65 20.78 -1.62 -25.45
N SER C 66 20.10 -2.62 -26.02
CA SER C 66 19.72 -2.60 -27.44
C SER C 66 18.32 -2.06 -27.70
N GLY C 67 17.42 -2.17 -26.73
CA GLY C 67 16.04 -1.77 -26.91
C GLY C 67 15.20 -2.65 -27.82
N GLY C 68 15.68 -3.83 -28.20
CA GLY C 68 14.95 -4.68 -29.13
C GLY C 68 13.99 -5.64 -28.45
N GLN C 69 13.43 -6.53 -29.27
CA GLN C 69 12.57 -7.58 -28.73
C GLN C 69 13.40 -8.64 -28.03
N VAL C 70 12.86 -9.15 -26.92
CA VAL C 70 13.54 -10.12 -26.07
C VAL C 70 12.87 -11.48 -26.28
N GLU C 71 13.67 -12.51 -26.55
CA GLU C 71 13.06 -13.82 -26.74
C GLU C 71 12.58 -14.36 -25.41
N PRO C 72 11.42 -15.02 -25.38
CA PRO C 72 10.91 -15.56 -24.12
C PRO C 72 11.84 -16.64 -23.56
N LEU C 73 11.79 -16.80 -22.24
CA LEU C 73 12.57 -17.80 -21.53
C LEU C 73 11.66 -18.87 -20.93
N ASP C 74 12.26 -20.00 -20.58
CA ASP C 74 11.52 -21.09 -19.95
C ASP C 74 11.49 -20.92 -18.44
N GLY C 75 10.54 -21.60 -17.80
CA GLY C 75 10.53 -21.74 -16.35
C GLY C 75 10.35 -20.44 -15.60
N PRO C 76 10.77 -20.41 -14.33
CA PRO C 76 10.63 -19.17 -13.53
C PRO C 76 11.29 -17.94 -14.15
N ALA C 77 12.44 -18.09 -14.81
CA ALA C 77 13.04 -16.92 -15.45
C ALA C 77 12.09 -16.32 -16.48
N GLY C 78 11.39 -17.17 -17.24
CA GLY C 78 10.40 -16.68 -18.18
C GLY C 78 9.19 -16.06 -17.53
N CYS C 79 8.77 -16.57 -16.37
CA CYS C 79 7.65 -15.96 -15.65
C CYS C 79 7.99 -14.56 -15.18
N ILE C 80 9.25 -14.33 -14.80
CA ILE C 80 9.68 -12.99 -14.45
C ILE C 80 9.71 -12.10 -15.69
N LEU C 81 10.34 -12.58 -16.77
CA LEU C 81 10.47 -11.77 -17.98
C LEU C 81 9.11 -11.34 -18.50
N GLU C 82 8.14 -12.24 -18.45
CA GLU C 82 6.79 -11.93 -18.90
C GLU C 82 6.24 -10.68 -18.21
N CYS C 83 6.66 -10.43 -16.97
CA CYS C 83 6.17 -9.25 -16.25
C CYS C 83 6.88 -7.97 -16.66
N LEU C 84 7.94 -8.05 -17.45
CA LEU C 84 8.82 -6.93 -17.72
C LEU C 84 8.80 -6.51 -19.19
N VAL C 85 7.94 -7.11 -20.00
CA VAL C 85 7.92 -6.86 -21.44
C VAL C 85 6.54 -6.40 -21.85
N LEU C 86 6.50 -5.62 -22.93
CA LEU C 86 5.28 -5.28 -23.65
C LEU C 86 4.86 -6.48 -24.50
N ASP C 87 3.65 -6.38 -25.08
CA ASP C 87 3.21 -7.41 -26.02
C ASP C 87 4.09 -7.49 -27.24
N SER C 88 4.85 -6.43 -27.55
CA SER C 88 5.78 -6.49 -28.67
C SER C 88 7.02 -7.32 -28.37
N GLY C 89 7.25 -7.69 -27.11
CA GLY C 89 8.47 -8.36 -26.72
C GLY C 89 9.55 -7.42 -26.26
N GLU C 90 9.38 -6.11 -26.42
CA GLU C 90 10.34 -5.14 -25.94
C GLU C 90 10.22 -4.96 -24.43
N LEU C 91 11.35 -4.72 -23.78
CA LEU C 91 11.37 -4.50 -22.34
C LEU C 91 10.69 -3.19 -22.00
N VAL C 92 10.07 -3.18 -20.83
CA VAL C 92 9.69 -1.93 -20.16
C VAL C 92 10.93 -1.52 -19.37
N PRO C 93 11.75 -0.58 -19.86
CA PRO C 93 13.03 -0.32 -19.19
C PRO C 93 12.86 0.08 -17.73
N GLU C 94 11.80 0.83 -17.39
CA GLU C 94 11.61 1.25 -16.01
C GLU C 94 11.41 0.06 -15.05
N LEU C 95 10.99 -1.10 -15.55
CA LEU C 95 10.88 -2.30 -14.75
C LEU C 95 12.07 -3.23 -14.90
N ALA C 96 12.60 -3.34 -16.11
CA ALA C 96 13.74 -4.22 -16.35
C ALA C 96 15.01 -3.71 -15.67
N ALA C 97 15.21 -2.38 -15.63
CA ALA C 97 16.45 -1.85 -15.05
C ALA C 97 16.57 -2.19 -13.57
N PRO C 98 15.56 -1.96 -12.72
CA PRO C 98 15.74 -2.35 -11.32
C PRO C 98 15.86 -3.85 -11.14
N ILE C 99 15.20 -4.67 -11.98
CA ILE C 99 15.40 -6.11 -11.84
C ILE C 99 16.82 -6.50 -12.22
N PHE C 100 17.37 -5.90 -13.29
CA PHE C 100 18.76 -6.16 -13.63
C PHE C 100 19.68 -5.75 -12.50
N TYR C 101 19.40 -4.62 -11.88
CA TYR C 101 20.18 -4.15 -10.74
C TYR C 101 20.12 -5.16 -9.59
N LEU C 102 18.92 -5.66 -9.30
CA LEU C 102 18.76 -6.65 -8.23
C LEU C 102 19.52 -7.94 -8.55
N LEU C 103 19.45 -8.39 -9.79
CA LEU C 103 20.19 -9.60 -10.18
C LEU C 103 21.69 -9.40 -10.02
N GLY C 104 22.18 -8.19 -10.30
CA GLY C 104 23.59 -7.91 -10.11
C GLY C 104 23.99 -7.97 -8.64
N ALA C 105 23.14 -7.44 -7.75
CA ALA C 105 23.42 -7.53 -6.33
C ALA C 105 23.39 -8.97 -5.86
N LEU C 106 22.36 -9.72 -6.29
CA LEU C 106 22.26 -11.13 -5.89
C LEU C 106 23.47 -11.93 -6.34
N ALA C 107 24.02 -11.59 -7.51
CA ALA C 107 25.18 -12.33 -8.04
C ALA C 107 26.45 -12.09 -7.23
N VAL C 108 26.52 -11.00 -6.46
CA VAL C 108 27.65 -10.80 -5.55
C VAL C 108 27.62 -11.80 -4.40
N LEU C 109 26.43 -12.23 -4.00
CA LEU C 109 26.25 -13.07 -2.82
C LEU C 109 26.61 -14.51 -3.15
N SER C 110 26.96 -15.25 -2.10
CA SER C 110 27.29 -16.67 -2.26
C SER C 110 26.03 -17.49 -2.52
N GLU C 111 26.23 -18.70 -3.03
CA GLU C 111 25.12 -19.62 -3.22
C GLU C 111 24.36 -19.84 -1.92
N THR C 112 25.09 -20.00 -0.81
CA THR C 112 24.44 -20.18 0.49
C THR C 112 23.54 -19.00 0.83
N GLN C 113 24.05 -17.77 0.60
CA GLN C 113 23.23 -16.60 0.86
C GLN C 113 21.99 -16.56 -0.02
N GLN C 114 22.15 -16.91 -1.31
CA GLN C 114 21.02 -16.90 -2.22
C GLN C 114 19.93 -17.86 -1.74
N GLN C 115 20.34 -19.04 -1.27
CA GLN C 115 19.40 -20.03 -0.77
C GLN C 115 18.69 -19.54 0.49
N LEU C 116 19.42 -18.87 1.38
CA LEU C 116 18.81 -18.32 2.59
C LEU C 116 17.80 -17.21 2.27
N LEU C 117 18.11 -16.37 1.26
CA LEU C 117 17.16 -15.33 0.87
C LEU C 117 15.88 -15.93 0.33
N ALA C 118 16.01 -16.98 -0.48
CA ALA C 118 14.84 -17.68 -0.99
C ALA C 118 13.95 -18.19 0.14
N LYS C 119 14.56 -18.68 1.22
CA LYS C 119 13.75 -19.18 2.32
C LYS C 119 13.12 -18.05 3.11
N ALA C 120 13.78 -16.88 3.14
CA ALA C 120 13.26 -15.73 3.88
C ALA C 120 12.06 -15.09 3.18
N LEU C 121 11.98 -15.18 1.85
CA LEU C 121 10.93 -14.51 1.10
C LEU C 121 9.55 -14.88 1.60
N GLU C 122 9.38 -16.12 2.05
CA GLU C 122 8.07 -16.61 2.41
C GLU C 122 7.54 -16.06 3.73
N THR C 123 8.35 -15.29 4.48
CA THR C 123 8.09 -15.05 5.90
C THR C 123 8.41 -13.62 6.32
N THR C 124 8.05 -13.32 7.57
CA THR C 124 8.51 -12.11 8.24
C THR C 124 10.03 -12.06 8.38
N VAL C 125 10.74 -13.17 8.16
CA VAL C 125 12.17 -13.20 8.37
C VAL C 125 12.86 -12.17 7.46
N LEU C 126 12.33 -11.99 6.24
CA LEU C 126 12.99 -11.10 5.28
C LEU C 126 13.10 -9.69 5.84
N SER C 127 11.99 -9.18 6.40
CA SER C 127 12.00 -7.83 6.97
C SER C 127 12.93 -7.73 8.16
N LYS C 128 13.03 -8.79 8.97
CA LYS C 128 13.94 -8.77 10.10
C LYS C 128 15.39 -8.73 9.64
N GLN C 129 15.71 -9.53 8.61
CA GLN C 129 17.07 -9.52 8.10
C GLN C 129 17.40 -8.18 7.44
N LEU C 130 16.43 -7.58 6.74
CA LEU C 130 16.70 -6.26 6.18
C LEU C 130 17.03 -5.27 7.30
N GLU C 131 16.25 -5.28 8.38
CA GLU C 131 16.50 -4.33 9.46
C GLU C 131 17.86 -4.57 10.09
N LEU C 132 18.26 -5.84 10.21
CA LEU C 132 19.55 -6.18 10.82
C LEU C 132 20.71 -5.73 9.93
N VAL C 133 20.64 -6.00 8.63
CA VAL C 133 21.72 -5.56 7.74
C VAL C 133 21.77 -4.04 7.66
N LYS C 134 20.61 -3.37 7.62
CA LYS C 134 20.62 -1.92 7.70
C LYS C 134 21.31 -1.44 8.96
N HIS C 135 21.03 -2.11 10.08
CA HIS C 135 21.62 -1.68 11.35
C HIS C 135 23.14 -1.87 11.34
N VAL C 136 23.61 -3.00 10.79
CA VAL C 136 25.05 -3.25 10.69
C VAL C 136 25.72 -2.16 9.86
N LEU C 137 25.11 -1.79 8.73
CA LEU C 137 25.71 -0.79 7.86
C LEU C 137 25.65 0.60 8.47
N GLU C 138 24.55 0.94 9.13
CA GLU C 138 24.48 2.26 9.75
C GLU C 138 25.45 2.39 10.91
N GLN C 139 25.55 1.34 11.73
CA GLN C 139 26.39 1.43 12.93
C GLN C 139 27.86 1.29 12.61
N SER C 140 28.21 0.80 11.43
CA SER C 140 29.62 0.59 11.07
C SER C 140 30.24 1.81 10.41
N THR C 141 29.49 2.90 10.27
CA THR C 141 30.07 4.17 9.84
C THR C 141 31.06 4.65 10.89
N PRO C 142 32.30 5.00 10.50
CA PRO C 142 32.96 4.98 9.19
C PRO C 142 33.43 3.59 8.74
N TRP C 143 32.97 3.19 7.57
CA TRP C 143 33.16 1.84 7.05
C TRP C 143 34.62 1.42 6.96
N GLN C 144 35.54 2.37 6.84
CA GLN C 144 36.95 1.99 6.68
C GLN C 144 37.62 1.62 7.99
N GLU C 145 36.91 1.72 9.11
CA GLU C 145 37.40 1.36 10.43
C GLU C 145 36.76 0.06 10.90
N GLN C 146 37.56 -0.83 11.49
CA GLN C 146 36.99 -1.97 12.21
C GLN C 146 36.22 -1.46 13.42
N SER C 147 35.12 -2.15 13.75
CA SER C 147 34.30 -1.72 14.87
C SER C 147 33.35 -2.84 15.28
N SER C 148 32.68 -2.61 16.41
CA SER C 148 31.72 -3.53 17.00
C SER C 148 30.31 -3.05 16.70
N VAL C 149 29.39 -3.99 16.45
CA VAL C 149 27.98 -3.65 16.29
C VAL C 149 27.15 -4.57 17.16
N SER C 150 26.32 -3.97 18.01
CA SER C 150 25.36 -4.71 18.82
C SER C 150 24.05 -4.80 18.06
N LEU C 151 23.41 -5.99 18.10
CA LEU C 151 22.18 -6.27 17.36
C LEU C 151 21.00 -6.41 18.32
N PRO C 152 19.81 -5.96 17.91
CA PRO C 152 18.61 -6.16 18.75
C PRO C 152 18.30 -7.64 18.87
N THR C 153 18.33 -8.12 20.12
CA THR C 153 18.17 -9.55 20.38
C THR C 153 16.86 -10.10 19.82
N VAL C 154 15.79 -9.30 19.83
CA VAL C 154 14.49 -9.81 19.43
C VAL C 154 14.46 -10.18 17.94
N LEU C 155 15.35 -9.63 17.13
CA LEU C 155 15.37 -9.96 15.71
C LEU C 155 16.22 -11.17 15.38
N LEU C 156 16.90 -11.79 16.35
CA LEU C 156 17.85 -12.86 16.08
C LEU C 156 17.23 -14.25 16.11
N GLY C 157 15.95 -14.38 16.44
CA GLY C 157 15.30 -15.69 16.47
C GLY C 157 15.49 -16.38 17.81
N ASP C 158 14.96 -17.61 17.88
CA ASP C 158 14.91 -18.33 19.15
C ASP C 158 16.30 -18.80 19.59
N CYS C 159 17.15 -19.18 18.65
CA CYS C 159 18.45 -19.74 19.00
C CYS C 159 19.49 -19.05 18.12
N TRP C 160 20.25 -18.16 18.73
CA TRP C 160 21.28 -17.38 18.05
C TRP C 160 22.60 -18.15 18.20
N ASP C 161 23.02 -18.79 17.13
CA ASP C 161 24.31 -19.50 17.10
C ASP C 161 24.72 -19.65 15.64
N GLU C 162 25.79 -20.43 15.40
CA GLU C 162 26.35 -20.50 14.05
C GLU C 162 25.45 -21.24 13.06
N LYS C 163 24.39 -21.90 13.52
CA LYS C 163 23.42 -22.54 12.62
C LYS C 163 22.24 -21.63 12.28
N ASN C 164 22.13 -20.46 12.89
CA ASN C 164 20.99 -19.57 12.68
C ASN C 164 21.07 -18.95 11.28
N PRO C 165 19.96 -18.91 10.53
CA PRO C 165 20.02 -18.40 9.13
C PRO C 165 20.58 -17.00 9.01
N THR C 166 20.23 -16.13 9.95
CA THR C 166 20.75 -14.76 9.92
C THR C 166 22.23 -14.70 10.25
N TRP C 167 22.68 -15.54 11.18
CA TRP C 167 24.11 -15.63 11.46
C TRP C 167 24.87 -15.99 10.19
N VAL C 168 24.44 -17.03 9.50
CA VAL C 168 25.12 -17.47 8.29
C VAL C 168 25.06 -16.38 7.22
N LEU C 169 23.89 -15.76 7.03
CA LEU C 169 23.74 -14.70 6.04
C LEU C 169 24.78 -13.60 6.25
N LEU C 170 24.97 -13.16 7.49
CA LEU C 170 25.93 -12.11 7.79
C LEU C 170 27.36 -12.63 7.71
N GLU C 171 27.61 -13.82 8.26
CA GLU C 171 28.95 -14.40 8.25
C GLU C 171 29.46 -14.62 6.83
N GLU C 172 28.57 -14.89 5.89
CA GLU C 172 28.98 -15.09 4.52
C GLU C 172 29.40 -13.79 3.85
N CYS C 173 29.11 -12.64 4.46
CA CYS C 173 29.63 -11.35 4.02
C CYS C 173 31.07 -11.12 4.47
N GLY C 174 31.64 -12.02 5.26
CA GLY C 174 32.95 -11.79 5.84
C GLY C 174 32.90 -11.10 7.19
N LEU C 175 31.71 -10.84 7.72
CA LEU C 175 31.59 -10.30 9.07
C LEU C 175 31.92 -11.37 10.08
N ARG C 176 32.47 -10.96 11.23
CA ARG C 176 32.71 -11.87 12.33
C ARG C 176 31.50 -11.88 13.26
N LEU C 177 30.97 -13.06 13.56
CA LEU C 177 29.81 -13.16 14.43
C LEU C 177 30.16 -13.90 15.72
N GLN C 178 29.43 -13.56 16.78
CA GLN C 178 29.52 -14.23 18.07
C GLN C 178 28.16 -14.19 18.75
N VAL C 179 28.04 -14.96 19.83
CA VAL C 179 26.77 -15.13 20.51
C VAL C 179 26.45 -13.89 21.34
N GLU C 180 27.39 -13.42 22.16
CA GLU C 180 27.08 -12.32 23.05
C GLU C 180 27.24 -10.97 22.35
N SER C 181 26.51 -9.98 22.85
CA SER C 181 26.64 -8.61 22.32
C SER C 181 28.02 -8.07 22.69
N PRO C 182 28.67 -7.35 21.77
CA PRO C 182 28.28 -7.05 20.37
C PRO C 182 28.45 -8.26 19.46
N GLN C 183 27.38 -8.66 18.78
CA GLN C 183 27.38 -9.89 18.02
C GLN C 183 28.12 -9.80 16.70
N VAL C 184 28.35 -8.60 16.17
CA VAL C 184 28.96 -8.43 14.86
C VAL C 184 30.22 -7.60 15.03
N HIS C 185 31.31 -8.05 14.43
CA HIS C 185 32.47 -7.19 14.29
C HIS C 185 32.67 -6.88 12.82
N TRP C 186 32.67 -5.59 12.52
CA TRP C 186 32.71 -5.09 11.16
C TRP C 186 34.13 -5.08 10.63
N GLU C 187 34.28 -5.54 9.40
CA GLU C 187 35.54 -5.52 8.68
C GLU C 187 35.34 -4.68 7.43
N PRO C 188 36.21 -3.71 7.15
CA PRO C 188 36.02 -2.90 5.92
C PRO C 188 35.95 -3.72 4.64
N THR C 189 36.64 -4.87 4.60
CA THR C 189 36.55 -5.74 3.42
C THR C 189 35.16 -6.34 3.25
N SER C 190 34.30 -6.27 4.24
CA SER C 190 32.95 -6.79 4.10
C SER C 190 31.98 -5.76 3.52
N LEU C 191 32.47 -4.59 3.13
CA LEU C 191 31.56 -3.54 2.66
C LEU C 191 30.85 -3.97 1.38
N ILE C 192 31.58 -4.48 0.40
CA ILE C 192 30.95 -4.85 -0.87
C ILE C 192 29.90 -5.94 -0.71
N PRO C 193 30.18 -7.10 -0.07
CA PRO C 193 29.11 -8.10 0.07
C PRO C 193 27.98 -7.62 0.96
N THR C 194 28.25 -6.91 2.05
CA THR C 194 27.16 -6.48 2.91
C THR C 194 26.27 -5.45 2.21
N SER C 195 26.87 -4.58 1.39
CA SER C 195 26.10 -3.64 0.58
C SER C 195 25.19 -4.36 -0.41
N ALA C 196 25.71 -5.38 -1.08
CA ALA C 196 24.90 -6.15 -2.03
C ALA C 196 23.78 -6.88 -1.30
N LEU C 197 24.06 -7.38 -0.11
CA LEU C 197 23.04 -8.05 0.69
C LEU C 197 21.95 -7.06 1.09
N TYR C 198 22.35 -5.86 1.50
CA TYR C 198 21.37 -4.83 1.82
C TYR C 198 20.53 -4.48 0.59
N ALA C 199 21.16 -4.22 -0.55
CA ALA C 199 20.40 -3.88 -1.75
C ALA C 199 19.44 -5.00 -2.11
N SER C 200 19.90 -6.25 -2.03
CA SER C 200 19.06 -7.40 -2.35
C SER C 200 17.86 -7.45 -1.43
N LEU C 201 18.10 -7.38 -0.12
CA LEU C 201 17.00 -7.44 0.83
C LEU C 201 16.03 -6.28 0.61
N PHE C 202 16.57 -5.10 0.34
CA PHE C 202 15.71 -3.94 0.19
C PHE C 202 14.80 -4.08 -1.02
N LEU C 203 15.37 -4.50 -2.16
CA LEU C 203 14.56 -4.61 -3.37
C LEU C 203 13.58 -5.78 -3.28
N LEU C 204 14.01 -6.89 -2.68
CA LEU C 204 13.07 -7.99 -2.46
C LEU C 204 11.93 -7.55 -1.56
N SER C 205 12.23 -6.74 -0.54
CA SER C 205 11.17 -6.21 0.31
C SER C 205 10.24 -5.27 -0.45
N SER C 206 10.79 -4.47 -1.35
CA SER C 206 9.94 -3.56 -2.12
C SER C 206 8.99 -4.32 -3.03
N LEU C 207 9.31 -5.56 -3.41
CA LEU C 207 8.37 -6.37 -4.18
C LEU C 207 7.31 -7.03 -3.29
N GLY C 208 7.63 -7.33 -2.04
CA GLY C 208 6.71 -8.04 -1.17
C GLY C 208 5.83 -7.08 -0.38
N GLN C 209 5.07 -7.65 0.55
CA GLN C 209 4.24 -6.85 1.46
C GLN C 209 3.72 -7.65 2.65
N ALA D 11 32.11 -8.89 -12.89
CA ALA D 11 32.84 -7.63 -12.85
C ALA D 11 31.96 -6.51 -13.42
N ALA D 12 32.43 -5.27 -13.29
CA ALA D 12 31.64 -4.12 -13.73
C ALA D 12 31.59 -4.03 -15.24
N ASP D 13 30.42 -3.69 -15.77
CA ASP D 13 30.30 -3.50 -17.21
C ASP D 13 29.26 -2.43 -17.48
N PHE D 14 29.13 -2.06 -18.76
CA PHE D 14 28.25 -0.96 -19.10
C PHE D 14 26.78 -1.31 -18.88
N GLN D 15 26.40 -2.57 -19.12
CA GLN D 15 25.03 -2.98 -18.84
C GLN D 15 24.65 -2.70 -17.40
N GLY D 16 25.54 -3.02 -16.45
CA GLY D 16 25.27 -2.75 -15.06
C GLY D 16 25.17 -1.26 -14.75
N LEU D 17 26.07 -0.46 -15.33
CA LEU D 17 26.03 0.98 -15.10
C LEU D 17 24.76 1.58 -15.69
N TYR D 18 24.42 1.20 -16.92
CA TYR D 18 23.21 1.72 -17.53
C TYR D 18 21.97 1.37 -16.72
N ALA D 19 21.85 0.09 -16.30
CA ALA D 19 20.68 -0.30 -15.52
C ALA D 19 20.56 0.52 -14.24
N GLU D 20 21.67 0.71 -13.54
CA GLU D 20 21.62 1.45 -12.28
C GLU D 20 21.19 2.90 -12.51
N VAL D 21 21.82 3.58 -13.46
CA VAL D 21 21.48 4.98 -13.69
C VAL D 21 20.08 5.10 -14.28
N LYS D 22 19.72 4.17 -15.18
CA LYS D 22 18.37 4.20 -15.74
C LYS D 22 17.34 4.05 -14.63
N ALA D 23 17.56 3.09 -13.73
CA ALA D 23 16.62 2.88 -12.63
C ALA D 23 16.57 4.10 -11.71
N CYS D 24 17.72 4.69 -11.41
CA CYS D 24 17.72 5.88 -10.55
C CYS D 24 16.98 7.04 -11.18
N SER D 25 16.98 7.14 -12.51
CA SER D 25 16.39 8.27 -13.19
C SER D 25 14.88 8.23 -13.27
N SER D 26 14.23 7.10 -12.96
CA SER D 26 12.83 6.93 -13.30
C SER D 26 11.97 8.05 -12.70
N GLU D 27 12.17 8.37 -11.42
CA GLU D 27 11.27 9.34 -10.82
C GLU D 27 11.57 10.75 -11.25
N LEU D 28 12.78 11.00 -11.76
CA LEU D 28 13.09 12.32 -12.31
C LEU D 28 12.41 12.53 -13.65
N GLU D 29 12.40 11.51 -14.50
CA GLU D 29 11.84 11.67 -15.84
C GLU D 29 10.33 11.82 -15.82
N SER D 30 9.65 11.28 -14.81
CA SER D 30 8.20 11.37 -14.72
C SER D 30 7.75 12.55 -13.88
N LEU D 31 8.67 13.34 -13.34
CA LEU D 31 8.33 14.53 -12.59
C LEU D 31 7.70 15.58 -13.51
N GLU D 32 6.80 16.40 -12.94
CA GLU D 32 6.16 17.46 -13.70
C GLU D 32 7.20 18.36 -14.36
N MET D 33 6.94 18.72 -15.62
CA MET D 33 7.90 19.51 -16.41
C MET D 33 8.33 20.77 -15.68
N GLU D 34 7.40 21.45 -15.02
CA GLU D 34 7.71 22.67 -14.31
C GLU D 34 8.77 22.45 -13.24
N LEU D 35 8.66 21.37 -12.47
CA LEU D 35 9.61 21.13 -11.40
C LEU D 35 10.94 20.61 -11.94
N ARG D 36 10.89 19.82 -13.01
CA ARG D 36 12.12 19.38 -13.67
C ARG D 36 12.96 20.56 -14.13
N GLN D 37 12.31 21.58 -14.70
CA GLN D 37 13.03 22.77 -15.15
C GLN D 37 13.58 23.55 -13.97
N GLN D 38 12.81 23.68 -12.89
CA GLN D 38 13.27 24.42 -11.72
C GLN D 38 14.48 23.74 -11.09
N ILE D 39 14.43 22.42 -10.96
CA ILE D 39 15.58 21.69 -10.40
C ILE D 39 16.81 21.85 -11.28
N LEU D 40 16.62 21.70 -12.61
CA LEU D 40 17.76 21.67 -13.52
C LEU D 40 18.47 23.03 -13.56
N VAL D 41 17.73 24.12 -13.68
CA VAL D 41 18.34 25.46 -13.72
C VAL D 41 19.14 25.72 -12.45
N ASN D 42 18.59 25.29 -11.31
CA ASN D 42 19.25 25.53 -10.03
C ASN D 42 20.40 24.57 -9.77
N ILE D 43 20.36 23.36 -10.35
CA ILE D 43 21.54 22.50 -10.34
C ILE D 43 22.67 23.16 -11.12
N GLY D 44 22.33 23.79 -12.25
CA GLY D 44 23.34 24.52 -13.00
C GLY D 44 24.01 25.60 -12.18
N LYS D 45 23.26 26.24 -11.27
CA LYS D 45 23.86 27.25 -10.41
C LYS D 45 24.67 26.65 -9.28
N ILE D 46 24.20 25.55 -8.67
CA ILE D 46 25.01 24.99 -7.58
C ILE D 46 26.23 24.27 -8.10
N LEU D 47 26.22 23.84 -9.38
CA LEU D 47 27.44 23.30 -9.96
C LEU D 47 28.55 24.34 -10.01
N GLN D 48 28.20 25.62 -9.92
CA GLN D 48 29.17 26.70 -9.89
C GLN D 48 29.44 27.18 -8.47
N ASP D 49 28.89 26.50 -7.46
CA ASP D 49 28.92 26.96 -6.07
C ASP D 49 28.99 25.72 -5.18
N GLN D 50 30.21 25.22 -5.01
CA GLN D 50 30.43 23.99 -4.27
C GLN D 50 29.88 24.03 -2.85
N PRO D 51 29.98 25.13 -2.10
CA PRO D 51 29.34 25.14 -0.77
C PRO D 51 27.83 24.90 -0.84
N SER D 52 27.16 25.40 -1.86
CA SER D 52 25.73 25.14 -2.01
C SER D 52 25.47 23.68 -2.28
N MET D 53 26.34 23.05 -3.07
CA MET D 53 26.21 21.63 -3.33
C MET D 53 26.40 20.83 -2.04
N GLU D 54 27.38 21.23 -1.21
CA GLU D 54 27.60 20.55 0.05
C GLU D 54 26.43 20.71 1.00
N ALA D 55 25.87 21.92 1.09
CA ALA D 55 24.74 22.16 2.00
C ALA D 55 23.53 21.34 1.58
N LEU D 56 23.22 21.30 0.28
CA LEU D 56 22.09 20.51 -0.17
C LEU D 56 22.31 19.02 0.10
N GLU D 57 23.52 18.52 -0.15
CA GLU D 57 23.81 17.11 0.07
C GLU D 57 23.65 16.75 1.54
N ALA D 58 24.11 17.63 2.44
CA ALA D 58 23.96 17.38 3.86
C ALA D 58 22.50 17.37 4.28
N SER D 59 21.70 18.30 3.73
CA SER D 59 20.28 18.34 4.09
C SER D 59 19.54 17.12 3.58
N LEU D 60 19.79 16.71 2.34
CA LEU D 60 19.08 15.57 1.79
C LEU D 60 19.50 14.27 2.45
N GLY D 61 20.81 14.11 2.70
CA GLY D 61 21.30 12.86 3.28
C GLY D 61 20.70 12.60 4.65
N GLN D 62 20.71 13.61 5.52
CA GLN D 62 20.11 13.46 6.84
C GLN D 62 18.59 13.31 6.74
N GLY D 63 17.98 14.03 5.81
CA GLY D 63 16.54 13.91 5.64
C GLY D 63 16.11 12.54 5.14
N LEU D 64 16.90 11.95 4.24
CA LEU D 64 16.56 10.62 3.73
C LEU D 64 16.73 9.54 4.80
N CYS D 65 17.81 9.61 5.57
CA CYS D 65 18.08 8.55 6.53
C CYS D 65 17.27 8.70 7.81
N SER D 66 16.94 9.94 8.19
CA SER D 66 16.16 10.18 9.39
C SER D 66 14.66 10.22 9.12
N GLY D 67 14.26 10.60 7.91
CA GLY D 67 12.84 10.75 7.62
C GLY D 67 12.19 11.94 8.28
N GLY D 68 12.98 12.83 8.91
CA GLY D 68 12.43 13.95 9.64
C GLY D 68 12.28 15.19 8.79
N GLN D 69 11.87 16.27 9.44
CA GLN D 69 11.72 17.54 8.75
C GLN D 69 13.09 18.15 8.44
N VAL D 70 13.21 18.72 7.25
CA VAL D 70 14.46 19.28 6.76
C VAL D 70 14.34 20.80 6.80
N GLU D 71 15.34 21.46 7.38
CA GLU D 71 15.31 22.92 7.47
C GLU D 71 15.54 23.52 6.09
N PRO D 72 14.79 24.56 5.72
CA PRO D 72 14.97 25.15 4.39
C PRO D 72 16.36 25.75 4.21
N LEU D 73 16.79 25.81 2.96
CA LEU D 73 18.07 26.38 2.59
C LEU D 73 17.87 27.67 1.81
N ASP D 74 18.93 28.48 1.77
CA ASP D 74 18.94 29.72 0.99
C ASP D 74 19.42 29.45 -0.43
N GLY D 75 19.12 30.39 -1.32
CA GLY D 75 19.68 30.39 -2.64
C GLY D 75 19.28 29.21 -3.51
N PRO D 76 20.09 28.92 -4.53
CA PRO D 76 19.74 27.83 -5.46
C PRO D 76 19.52 26.49 -4.78
N ALA D 77 20.32 26.17 -3.75
CA ALA D 77 20.13 24.91 -3.03
C ALA D 77 18.75 24.85 -2.39
N GLY D 78 18.27 25.97 -1.85
CA GLY D 78 16.93 25.99 -1.30
C GLY D 78 15.84 25.85 -2.34
N CYS D 79 16.07 26.40 -3.54
CA CYS D 79 15.09 26.24 -4.62
C CYS D 79 14.95 24.79 -5.05
N ILE D 80 16.04 24.04 -5.04
CA ILE D 80 15.96 22.61 -5.32
C ILE D 80 15.22 21.90 -4.19
N LEU D 81 15.63 22.17 -2.95
CA LEU D 81 15.03 21.49 -1.79
C LEU D 81 13.54 21.71 -1.74
N GLU D 82 13.08 22.93 -2.05
CA GLU D 82 11.66 23.23 -2.09
C GLU D 82 10.89 22.28 -3.00
N CYS D 83 11.55 21.77 -4.05
CA CYS D 83 10.90 20.82 -4.95
C CYS D 83 10.88 19.40 -4.39
N LEU D 84 11.56 19.13 -3.29
CA LEU D 84 11.75 17.79 -2.80
C LEU D 84 11.11 17.55 -1.44
N VAL D 85 10.37 18.52 -0.90
CA VAL D 85 9.81 18.38 0.43
C VAL D 85 8.29 18.46 0.36
N LEU D 86 7.66 17.80 1.33
CA LEU D 86 6.23 17.94 1.56
C LEU D 86 5.94 19.28 2.24
N ASP D 87 4.65 19.60 2.34
CA ASP D 87 4.26 20.80 3.05
C ASP D 87 4.63 20.73 4.51
N SER D 88 4.78 19.52 5.06
CA SER D 88 5.22 19.33 6.44
C SER D 88 6.72 19.52 6.62
N GLY D 89 7.50 19.65 5.54
CA GLY D 89 8.93 19.77 5.61
C GLY D 89 9.70 18.48 5.50
N GLU D 90 9.03 17.33 5.51
CA GLU D 90 9.70 16.06 5.30
C GLU D 90 9.99 15.87 3.82
N LEU D 91 11.09 15.18 3.51
CA LEU D 91 11.44 14.89 2.13
C LEU D 91 10.43 13.96 1.49
N VAL D 92 10.27 14.11 0.19
CA VAL D 92 9.65 13.09 -0.66
C VAL D 92 10.77 12.13 -1.06
N PRO D 93 10.88 10.95 -0.42
CA PRO D 93 12.04 10.10 -0.67
C PRO D 93 12.23 9.71 -2.12
N GLU D 94 11.14 9.46 -2.84
CA GLU D 94 11.24 9.07 -4.25
C GLU D 94 11.87 10.14 -5.12
N LEU D 95 11.81 11.41 -4.69
CA LEU D 95 12.45 12.50 -5.41
C LEU D 95 13.80 12.88 -4.82
N ALA D 96 13.91 12.85 -3.49
CA ALA D 96 15.18 13.22 -2.86
C ALA D 96 16.27 12.19 -3.15
N ALA D 97 15.91 10.90 -3.22
CA ALA D 97 16.92 9.88 -3.43
C ALA D 97 17.65 10.01 -4.77
N PRO D 98 16.98 10.13 -5.92
CA PRO D 98 17.73 10.31 -7.17
C PRO D 98 18.53 11.60 -7.20
N ILE D 99 18.04 12.66 -6.56
CA ILE D 99 18.80 13.89 -6.51
C ILE D 99 20.05 13.69 -5.66
N PHE D 100 19.93 13.00 -4.52
CA PHE D 100 21.12 12.69 -3.72
C PHE D 100 22.09 11.83 -4.51
N TYR D 101 21.57 10.86 -5.26
CA TYR D 101 22.42 10.02 -6.09
C TYR D 101 23.16 10.86 -7.14
N LEU D 102 22.46 11.81 -7.75
CA LEU D 102 23.09 12.70 -8.73
C LEU D 102 24.17 13.55 -8.07
N LEU D 103 23.87 14.11 -6.89
CA LEU D 103 24.87 14.92 -6.19
C LEU D 103 26.11 14.10 -5.86
N GLY D 104 25.95 12.83 -5.54
CA GLY D 104 27.11 11.98 -5.29
C GLY D 104 27.97 11.75 -6.52
N ALA D 105 27.33 11.56 -7.67
CA ALA D 105 28.07 11.40 -8.92
C ALA D 105 28.81 12.68 -9.27
N LEU D 106 28.12 13.82 -9.18
CA LEU D 106 28.76 15.10 -9.46
C LEU D 106 29.95 15.33 -8.54
N ALA D 107 29.86 14.86 -7.28
CA ALA D 107 30.92 15.05 -6.31
C ALA D 107 32.19 14.26 -6.63
N VAL D 108 32.10 13.23 -7.47
CA VAL D 108 33.31 12.52 -7.90
C VAL D 108 34.12 13.39 -8.85
N LEU D 109 33.43 14.25 -9.60
CA LEU D 109 34.04 15.03 -10.67
C LEU D 109 34.83 16.21 -10.10
N SER D 110 35.80 16.67 -10.89
CA SER D 110 36.57 17.84 -10.50
C SER D 110 35.74 19.11 -10.61
N GLU D 111 36.20 20.17 -9.94
CA GLU D 111 35.54 21.47 -10.08
C GLU D 111 35.48 21.91 -11.54
N THR D 112 36.56 21.65 -12.29
CA THR D 112 36.57 22.01 -13.70
C THR D 112 35.45 21.28 -14.45
N GLN D 113 35.30 19.97 -14.20
CA GLN D 113 34.22 19.23 -14.86
C GLN D 113 32.85 19.77 -14.46
N GLN D 114 32.68 20.07 -13.16
CA GLN D 114 31.39 20.60 -12.71
C GLN D 114 31.04 21.90 -13.43
N GLN D 115 32.02 22.80 -13.59
CA GLN D 115 31.73 24.05 -14.29
C GLN D 115 31.42 23.82 -15.77
N LEU D 116 32.12 22.88 -16.40
CA LEU D 116 31.81 22.59 -17.79
C LEU D 116 30.40 22.04 -17.94
N LEU D 117 29.96 21.20 -16.98
CA LEU D 117 28.60 20.69 -17.02
C LEU D 117 27.57 21.79 -16.88
N ALA D 118 27.81 22.76 -15.99
CA ALA D 118 26.89 23.89 -15.85
C ALA D 118 26.72 24.61 -17.18
N LYS D 119 27.81 24.76 -17.94
CA LYS D 119 27.74 25.43 -19.22
C LYS D 119 27.05 24.57 -20.28
N ALA D 120 27.18 23.25 -20.17
CA ALA D 120 26.58 22.37 -21.17
C ALA D 120 25.05 22.32 -21.02
N LEU D 121 24.53 22.57 -19.82
CA LEU D 121 23.09 22.47 -19.60
C LEU D 121 22.32 23.43 -20.50
N GLU D 122 22.86 24.63 -20.74
CA GLU D 122 22.16 25.66 -21.48
C GLU D 122 22.08 25.39 -22.97
N THR D 123 22.65 24.28 -23.42
CA THR D 123 22.96 24.07 -24.83
C THR D 123 22.56 22.64 -25.19
N THR D 124 22.58 22.37 -26.48
CA THR D 124 22.63 21.00 -27.02
C THR D 124 23.92 20.23 -26.69
N VAL D 125 24.96 20.90 -26.19
CA VAL D 125 26.22 20.21 -25.91
C VAL D 125 25.98 19.04 -24.95
N LEU D 126 24.99 19.17 -24.06
CA LEU D 126 24.77 18.15 -23.04
C LEU D 126 24.47 16.78 -23.68
N SER D 127 23.55 16.73 -24.65
CA SER D 127 23.22 15.46 -25.30
C SER D 127 24.41 14.92 -26.08
N LYS D 128 25.21 15.81 -26.67
CA LYS D 128 26.42 15.40 -27.37
C LYS D 128 27.45 14.77 -26.45
N GLN D 129 27.66 15.38 -25.29
CA GLN D 129 28.63 14.83 -24.36
C GLN D 129 28.15 13.53 -23.77
N LEU D 130 26.85 13.41 -23.51
CA LEU D 130 26.32 12.13 -23.05
C LEU D 130 26.57 11.04 -24.09
N GLU D 131 26.31 11.34 -25.36
CA GLU D 131 26.54 10.32 -26.39
C GLU D 131 28.02 9.95 -26.48
N LEU D 132 28.92 10.93 -26.33
CA LEU D 132 30.34 10.65 -26.39
C LEU D 132 30.79 9.81 -25.21
N VAL D 133 30.36 10.17 -24.00
CA VAL D 133 30.77 9.40 -22.83
C VAL D 133 30.19 8.00 -22.88
N LYS D 134 28.93 7.88 -23.31
CA LYS D 134 28.35 6.55 -23.49
C LYS D 134 29.16 5.76 -24.50
N HIS D 135 29.58 6.41 -25.58
CA HIS D 135 30.35 5.73 -26.61
C HIS D 135 31.68 5.23 -26.06
N VAL D 136 32.38 6.07 -25.30
CA VAL D 136 33.65 5.66 -24.70
C VAL D 136 33.44 4.45 -23.80
N LEU D 137 32.40 4.48 -22.96
CA LEU D 137 32.16 3.39 -22.02
C LEU D 137 31.74 2.10 -22.74
N GLU D 138 30.90 2.22 -23.76
CA GLU D 138 30.49 1.02 -24.50
C GLU D 138 31.67 0.42 -25.26
N GLN D 139 32.50 1.26 -25.88
CA GLN D 139 33.58 0.77 -26.73
C GLN D 139 34.80 0.32 -25.92
N SER D 140 34.91 0.70 -24.66
CA SER D 140 36.05 0.29 -23.86
C SER D 140 35.79 -1.02 -23.12
N THR D 141 34.64 -1.66 -23.34
CA THR D 141 34.41 -3.00 -22.86
C THR D 141 35.40 -3.96 -23.53
N PRO D 142 36.11 -4.80 -22.74
CA PRO D 142 36.15 -4.98 -21.28
C PRO D 142 36.99 -3.92 -20.54
N TRP D 143 36.37 -3.28 -19.55
CA TRP D 143 36.95 -2.10 -18.89
C TRP D 143 38.32 -2.34 -18.24
N GLN D 144 38.61 -3.57 -17.80
CA GLN D 144 39.88 -3.90 -17.13
C GLN D 144 41.06 -4.05 -18.09
N GLU D 145 40.82 -3.89 -19.39
CA GLU D 145 41.87 -3.92 -20.41
C GLU D 145 42.14 -2.51 -20.94
N GLN D 146 43.41 -2.18 -21.12
CA GLN D 146 43.76 -0.98 -21.86
C GLN D 146 43.35 -1.15 -23.32
N SER D 147 42.89 -0.08 -23.95
CA SER D 147 42.43 -0.20 -25.34
C SER D 147 42.30 1.19 -25.94
N SER D 148 42.09 1.22 -27.25
CA SER D 148 41.90 2.43 -28.01
C SER D 148 40.42 2.60 -28.31
N VAL D 149 39.94 3.84 -28.28
CA VAL D 149 38.55 4.12 -28.64
C VAL D 149 38.56 5.26 -29.66
N SER D 150 37.92 5.02 -30.80
CA SER D 150 37.75 6.05 -31.82
C SER D 150 36.45 6.79 -31.55
N LEU D 151 36.47 8.11 -31.74
CA LEU D 151 35.31 8.93 -31.44
C LEU D 151 34.69 9.49 -32.72
N PRO D 152 33.36 9.63 -32.76
CA PRO D 152 32.71 10.22 -33.94
C PRO D 152 33.12 11.67 -34.06
N THR D 153 33.74 11.99 -35.20
CA THR D 153 34.32 13.32 -35.42
C THR D 153 33.29 14.44 -35.26
N VAL D 154 32.04 14.18 -35.64
CA VAL D 154 31.03 15.24 -35.64
C VAL D 154 30.69 15.71 -34.23
N LEU D 155 30.90 14.88 -33.21
CA LEU D 155 30.58 15.25 -31.84
C LEU D 155 31.73 15.95 -31.14
N LEU D 156 32.86 16.14 -31.81
CA LEU D 156 34.05 16.70 -31.17
C LEU D 156 34.14 18.22 -31.29
N GLY D 157 33.22 18.86 -32.01
CA GLY D 157 33.26 20.31 -32.14
C GLY D 157 34.15 20.78 -33.27
N ASP D 158 34.24 22.11 -33.39
CA ASP D 158 34.96 22.71 -34.52
C ASP D 158 36.48 22.50 -34.42
N CYS D 159 37.02 22.51 -33.21
CA CYS D 159 38.46 22.41 -32.99
C CYS D 159 38.73 21.39 -31.89
N TRP D 160 39.25 20.23 -32.27
CA TRP D 160 39.54 19.15 -31.33
C TRP D 160 41.00 19.26 -30.91
N ASP D 161 41.23 19.83 -29.72
CA ASP D 161 42.55 19.94 -29.11
C ASP D 161 42.35 20.10 -27.60
N GLU D 162 43.44 20.41 -26.89
CA GLU D 162 43.43 20.44 -25.43
C GLU D 162 42.63 21.61 -24.87
N LYS D 163 42.17 22.52 -25.73
CA LYS D 163 41.32 23.66 -25.38
C LYS D 163 39.83 23.36 -25.48
N ASN D 164 39.46 22.25 -26.10
CA ASN D 164 38.05 21.90 -26.31
C ASN D 164 37.40 21.43 -25.00
N PRO D 165 36.19 21.90 -24.69
CA PRO D 165 35.55 21.52 -23.42
C PRO D 165 35.34 20.01 -23.29
N THR D 166 35.03 19.32 -24.38
CA THR D 166 34.87 17.86 -24.29
C THR D 166 36.20 17.18 -24.03
N TRP D 167 37.28 17.70 -24.62
CA TRP D 167 38.62 17.18 -24.34
C TRP D 167 38.92 17.27 -22.85
N VAL D 168 38.73 18.46 -22.26
CA VAL D 168 39.04 18.66 -20.84
C VAL D 168 38.16 17.76 -19.98
N LEU D 169 36.85 17.72 -20.29
CA LEU D 169 35.92 16.87 -19.56
C LEU D 169 36.40 15.43 -19.52
N LEU D 170 36.83 14.91 -20.66
CA LEU D 170 37.31 13.53 -20.70
C LEU D 170 38.70 13.42 -20.08
N GLU D 171 39.58 14.39 -20.36
CA GLU D 171 40.92 14.34 -19.81
C GLU D 171 40.89 14.37 -18.30
N GLU D 172 39.91 15.07 -17.72
CA GLU D 172 39.79 15.14 -16.27
C GLU D 172 39.30 13.85 -15.66
N CYS D 173 38.81 12.92 -16.48
CA CYS D 173 38.55 11.56 -16.03
C CYS D 173 39.81 10.71 -15.96
N GLY D 174 40.95 11.23 -16.38
CA GLY D 174 42.15 10.43 -16.47
C GLY D 174 42.31 9.73 -17.80
N LEU D 175 41.41 9.96 -18.75
CA LEU D 175 41.56 9.36 -20.07
C LEU D 175 42.71 10.02 -20.80
N ARG D 176 43.39 9.23 -21.64
CA ARG D 176 44.48 9.74 -22.45
C ARG D 176 43.95 10.10 -23.83
N LEU D 177 44.11 11.36 -24.18
CA LEU D 177 43.49 11.95 -25.36
C LEU D 177 44.56 12.33 -26.38
N GLN D 178 44.19 12.26 -27.66
CA GLN D 178 45.06 12.74 -28.73
C GLN D 178 44.16 13.27 -29.82
N VAL D 179 44.77 13.97 -30.77
CA VAL D 179 44.00 14.65 -31.81
C VAL D 179 43.45 13.65 -32.82
N GLU D 180 44.32 12.81 -33.39
CA GLU D 180 43.89 11.93 -34.46
C GLU D 180 43.35 10.62 -33.91
N SER D 181 42.50 9.97 -34.70
CA SER D 181 41.83 8.75 -34.26
C SER D 181 42.84 7.61 -34.15
N PRO D 182 42.72 6.77 -33.10
CA PRO D 182 41.73 6.83 -32.02
C PRO D 182 42.06 7.91 -31.02
N GLN D 183 41.09 8.78 -30.71
CA GLN D 183 41.37 9.95 -29.89
C GLN D 183 41.46 9.63 -28.41
N VAL D 184 40.94 8.49 -27.97
CA VAL D 184 40.86 8.13 -26.57
C VAL D 184 41.60 6.82 -26.37
N HIS D 185 42.52 6.81 -25.41
CA HIS D 185 43.11 5.56 -24.96
C HIS D 185 42.60 5.26 -23.56
N TRP D 186 41.92 4.13 -23.42
CA TRP D 186 41.20 3.80 -22.21
C TRP D 186 42.15 3.18 -21.20
N GLU D 187 42.05 3.64 -19.96
CA GLU D 187 42.80 3.12 -18.84
C GLU D 187 41.80 2.61 -17.82
N PRO D 188 41.95 1.39 -17.31
CA PRO D 188 41.01 0.92 -16.28
C PRO D 188 40.88 1.86 -15.10
N THR D 189 41.95 2.60 -14.76
CA THR D 189 41.89 3.57 -13.68
C THR D 189 40.92 4.71 -13.97
N SER D 190 40.47 4.88 -15.21
CA SER D 190 39.50 5.93 -15.54
C SER D 190 38.07 5.50 -15.33
N LEU D 191 37.83 4.28 -14.83
CA LEU D 191 36.46 3.78 -14.78
C LEU D 191 35.59 4.59 -13.82
N ILE D 192 36.07 4.82 -12.60
CA ILE D 192 35.22 5.49 -11.60
C ILE D 192 34.86 6.91 -12.04
N PRO D 193 35.80 7.79 -12.42
CA PRO D 193 35.37 9.13 -12.86
C PRO D 193 34.54 9.14 -14.13
N THR D 194 34.87 8.27 -15.11
CA THR D 194 34.09 8.27 -16.34
C THR D 194 32.67 7.74 -16.08
N SER D 195 32.54 6.75 -15.21
CA SER D 195 31.21 6.28 -14.81
C SER D 195 30.43 7.41 -14.14
N ALA D 196 31.08 8.16 -13.26
CA ALA D 196 30.40 9.26 -12.57
C ALA D 196 29.97 10.34 -13.56
N LEU D 197 30.80 10.60 -14.57
CA LEU D 197 30.44 11.58 -15.58
C LEU D 197 29.23 11.11 -16.39
N TYR D 198 29.23 9.84 -16.76
CA TYR D 198 28.08 9.28 -17.48
C TYR D 198 26.81 9.41 -16.65
N ALA D 199 26.86 9.00 -15.39
CA ALA D 199 25.67 9.10 -14.53
C ALA D 199 25.21 10.55 -14.42
N SER D 200 26.16 11.49 -14.25
CA SER D 200 25.78 12.88 -14.16
C SER D 200 25.11 13.35 -15.44
N LEU D 201 25.71 13.08 -16.59
CA LEU D 201 25.13 13.51 -17.86
C LEU D 201 23.76 12.88 -18.09
N PHE D 202 23.61 11.61 -17.72
CA PHE D 202 22.34 10.92 -17.96
C PHE D 202 21.21 11.51 -17.14
N LEU D 203 21.46 11.73 -15.86
CA LEU D 203 20.44 12.26 -14.96
C LEU D 203 20.13 13.70 -15.28
N LEU D 204 21.14 14.51 -15.62
CA LEU D 204 20.86 15.87 -16.05
C LEU D 204 20.04 15.87 -17.34
N SER D 205 20.34 14.96 -18.26
CA SER D 205 19.53 14.85 -19.47
C SER D 205 18.10 14.43 -19.16
N SER D 206 17.92 13.52 -18.20
CA SER D 206 16.57 13.08 -17.85
C SER D 206 15.76 14.19 -17.21
N LEU D 207 16.41 15.21 -16.62
CA LEU D 207 15.69 16.37 -16.12
C LEU D 207 15.35 17.36 -17.22
N GLY D 208 16.14 17.40 -18.28
CA GLY D 208 15.96 18.40 -19.33
C GLY D 208 15.03 17.98 -20.47
#